data_3PWV
#
_entry.id   3PWV
#
_cell.length_a   83.905
_cell.length_b   83.905
_cell.length_c   153.005
_cell.angle_alpha   90.00
_cell.angle_beta   90.00
_cell.angle_gamma   90.00
#
_symmetry.space_group_name_H-M   'P 41'
#
loop_
_entity.id
_entity.type
_entity.pdbx_description
1 polymer 'MHC class I antigen'
2 polymer Beta-2-microglobulin
3 polymer '9-mer peptide from Hemagglutinin'
4 water water
#
loop_
_entity_poly.entity_id
_entity_poly.type
_entity_poly.pdbx_seq_one_letter_code
_entity_poly.pdbx_strand_id
1 'polypeptide(L)'
;SHSLRYFYTAVSRPGLGEPRFIAVGYVDDTQFTRFDSDAPNPRDEPRVPWMEQEGPEYWDRNTRIYKDTAQIFRANLNTA
LGYYNQSEAGSHTFQEMYGCYVGPDGRLLLGFMQFAYDGRDYIALNEDLRSWTAADTAAQITKRKWEAAGEAERQRNYLE
GRCVEGLRRYLENGKDTLLRADPPKAHVTHHPISDREVTLRCWALGFYPEEISLTWQHEGEDQTQDMELVETRPSGDGTF
QKWAALVVPSGEEQRYTCRVQHEGLQEPLTLRWE
;
A,D
2 'polypeptide(L)'
;IQRPPKIQVYSRHPPEDGKPNYLNCYVYGFHPPQIEIDLLKNGEKIKSEQSDLSFSKDWSFYLLSHAEFTPNSKDQYSCR
VKHVTLEQPRIVKWDRDL
;
B,E
3 'polypeptide(L)' IPAYGVLTI C,F
#
# COMPACT_ATOMS: atom_id res chain seq x y z
N SER A 1 14.28 -15.33 22.99
CA SER A 1 14.43 -13.88 23.07
C SER A 1 13.31 -13.24 23.89
N HIS A 2 13.71 -12.46 24.90
CA HIS A 2 12.77 -11.67 25.70
C HIS A 2 13.23 -10.22 25.71
N SER A 3 12.30 -9.30 25.94
CA SER A 3 12.66 -7.90 25.99
C SER A 3 11.99 -7.23 27.18
N LEU A 4 12.57 -6.10 27.59
CA LEU A 4 11.94 -5.20 28.55
C LEU A 4 11.93 -3.85 27.88
N ARG A 5 10.75 -3.28 27.67
CA ARG A 5 10.64 -2.04 26.94
C ARG A 5 9.76 -1.02 27.66
N TYR A 6 10.14 0.24 27.57
CA TYR A 6 9.39 1.32 28.20
C TYR A 6 9.00 2.33 27.13
N PHE A 7 7.79 2.88 27.25
CA PHE A 7 7.31 3.87 26.28
C PHE A 7 6.85 5.13 26.99
N TYR A 8 7.48 6.24 26.64
CA TYR A 8 7.24 7.51 27.29
C TYR A 8 6.60 8.48 26.33
N THR A 9 5.52 9.13 26.75
CA THR A 9 4.92 10.14 25.91
C THR A 9 4.44 11.33 26.75
N ALA A 10 4.87 12.52 26.36
CA ALA A 10 4.46 13.74 27.03
C ALA A 10 3.76 14.61 26.00
N VAL A 11 2.63 15.18 26.38
CA VAL A 11 1.86 15.99 25.45
C VAL A 11 1.58 17.36 26.04
N SER A 12 2.08 18.40 25.38
CA SER A 12 1.80 19.76 25.80
C SER A 12 0.35 20.09 25.46
N ARG A 13 -0.24 20.99 26.23
CA ARG A 13 -1.64 21.36 26.03
C ARG A 13 -1.86 22.78 26.51
N PRO A 14 -1.38 23.75 25.72
CA PRO A 14 -1.42 25.18 25.99
C PRO A 14 -2.74 25.65 26.61
N GLY A 15 -2.67 26.21 27.82
CA GLY A 15 -3.84 26.75 28.48
C GLY A 15 -4.62 25.72 29.28
N LEU A 16 -4.19 24.47 29.21
CA LEU A 16 -4.90 23.37 29.84
C LEU A 16 -4.08 22.67 30.91
N GLY A 17 -2.93 23.26 31.26
CA GLY A 17 -2.12 22.75 32.35
C GLY A 17 -0.75 22.26 31.93
N GLU A 18 -0.04 21.67 32.89
CA GLU A 18 1.25 21.05 32.63
C GLU A 18 1.08 19.99 31.54
N PRO A 19 2.10 19.81 30.70
CA PRO A 19 1.98 18.70 29.74
C PRO A 19 1.86 17.38 30.49
N ARG A 20 0.93 16.56 30.05
CA ARG A 20 0.69 15.26 30.65
C ARG A 20 1.79 14.28 30.27
N PHE A 21 2.21 13.45 31.21
CA PHE A 21 3.24 12.46 30.96
C PHE A 21 2.74 11.05 31.25
N ILE A 22 2.93 10.16 30.29
CA ILE A 22 2.49 8.79 30.42
C ILE A 22 3.61 7.81 30.13
N ALA A 23 3.80 6.87 31.03
CA ALA A 23 4.85 5.86 30.87
C ALA A 23 4.26 4.47 31.04
N VAL A 24 4.34 3.66 29.99
CA VAL A 24 3.84 2.29 30.09
C VAL A 24 4.99 1.30 30.00
N GLY A 25 4.91 0.23 30.78
CA GLY A 25 5.95 -0.78 30.77
C GLY A 25 5.52 -2.06 30.09
N TYR A 26 6.42 -2.62 29.28
CA TYR A 26 6.16 -3.89 28.60
C TYR A 26 7.25 -4.92 28.86
N VAL A 27 6.83 -6.14 29.17
CA VAL A 27 7.72 -7.29 29.15
C VAL A 27 7.31 -8.30 28.08
N ASP A 28 8.03 -8.34 26.97
CA ASP A 28 7.54 -8.96 25.75
C ASP A 28 6.23 -8.25 25.43
N ASP A 29 5.24 -8.99 24.97
CA ASP A 29 4.01 -8.39 24.44
C ASP A 29 2.93 -8.21 25.51
N THR A 30 3.36 -7.98 26.74
CA THR A 30 2.46 -7.85 27.88
C THR A 30 2.75 -6.59 28.65
N GLN A 31 1.79 -5.65 28.68
CA GLN A 31 1.94 -4.48 29.52
C GLN A 31 1.91 -4.91 30.98
N PHE A 32 2.89 -4.47 31.76
CA PHE A 32 2.94 -4.87 33.16
C PHE A 32 2.92 -3.70 34.14
N THR A 33 3.34 -2.52 33.71
CA THR A 33 3.24 -1.33 34.55
C THR A 33 2.67 -0.14 33.79
N ARG A 34 2.35 0.92 34.51
CA ARG A 34 1.83 2.14 33.91
C ARG A 34 1.85 3.33 34.86
N PHE A 35 2.21 4.49 34.33
CA PHE A 35 2.21 5.73 35.11
C PHE A 35 1.55 6.85 34.32
N ASP A 36 0.70 7.61 34.98
CA ASP A 36 -0.07 8.67 34.34
C ASP A 36 -0.04 9.92 35.21
N SER A 37 0.58 10.99 34.70
CA SER A 37 0.73 12.23 35.47
C SER A 37 -0.62 12.89 35.77
N ASP A 38 -1.66 12.49 35.05
CA ASP A 38 -3.00 13.06 35.25
C ASP A 38 -3.81 12.35 36.33
N ALA A 39 -3.44 11.12 36.65
CA ALA A 39 -4.10 10.38 37.72
C ALA A 39 -4.14 11.22 38.99
N PRO A 40 -5.22 11.08 39.79
CA PRO A 40 -5.41 11.86 41.01
C PRO A 40 -4.19 11.78 41.93
N ASN A 41 -3.58 10.59 42.03
CA ASN A 41 -2.39 10.43 42.84
C ASN A 41 -1.31 9.66 42.09
N PRO A 42 -0.57 10.36 41.22
CA PRO A 42 0.41 9.83 40.27
C PRO A 42 1.34 8.78 40.89
N ARG A 43 1.19 7.54 40.44
CA ARG A 43 1.93 6.41 40.96
C ARG A 43 2.26 5.45 39.82
N ASP A 44 3.42 4.82 39.86
CA ASP A 44 3.64 3.69 39.00
C ASP A 44 2.81 2.55 39.56
N GLU A 45 2.01 1.92 38.71
CA GLU A 45 1.08 0.88 39.13
C GLU A 45 1.30 -0.42 38.34
N PRO A 46 1.03 -1.56 38.98
CA PRO A 46 1.02 -2.84 38.26
C PRO A 46 -0.21 -2.92 37.37
N ARG A 47 -0.10 -3.63 36.26
CA ARG A 47 -1.22 -3.77 35.33
C ARG A 47 -1.34 -5.24 34.96
N VAL A 48 -0.65 -6.06 35.74
CA VAL A 48 -0.62 -7.50 35.54
C VAL A 48 -0.52 -8.14 36.92
N PRO A 49 -1.22 -9.27 37.13
CA PRO A 49 -1.25 -9.86 38.48
C PRO A 49 0.12 -10.24 39.02
N TRP A 50 1.03 -10.69 38.15
CA TRP A 50 2.33 -11.18 38.62
C TRP A 50 3.30 -10.09 39.07
N MET A 51 2.84 -8.85 39.09
CA MET A 51 3.66 -7.77 39.61
C MET A 51 3.20 -7.40 41.01
N GLU A 52 2.04 -7.93 41.40
CA GLU A 52 1.46 -7.62 42.70
C GLU A 52 2.33 -8.12 43.84
N GLN A 53 3.33 -8.94 43.52
CA GLN A 53 4.22 -9.48 44.52
C GLN A 53 5.29 -8.48 44.94
N GLU A 54 5.46 -7.44 44.14
CA GLU A 54 6.49 -6.42 44.40
C GLU A 54 6.11 -5.46 45.52
N GLY A 55 7.07 -5.17 46.39
CA GLY A 55 6.84 -4.35 47.55
C GLY A 55 6.66 -2.88 47.24
N PRO A 56 6.19 -2.11 48.24
CA PRO A 56 5.94 -0.68 48.13
C PRO A 56 7.21 0.12 47.88
N GLU A 57 8.34 -0.32 48.42
CA GLU A 57 9.59 0.37 48.14
C GLU A 57 9.88 0.30 46.64
N TYR A 58 9.56 -0.85 46.04
CA TYR A 58 9.70 -1.00 44.60
C TYR A 58 8.93 0.09 43.86
N TRP A 59 7.62 0.13 44.09
CA TRP A 59 6.74 1.05 43.37
C TRP A 59 7.08 2.51 43.66
N ASP A 60 7.38 2.79 44.91
CA ASP A 60 7.72 4.15 45.32
C ASP A 60 8.96 4.65 44.61
N ARG A 61 9.91 3.76 44.35
CA ARG A 61 11.10 4.16 43.62
C ARG A 61 10.74 4.57 42.21
N ASN A 62 10.00 3.71 41.52
CA ASN A 62 9.58 4.00 40.16
C ASN A 62 8.84 5.32 40.07
N THR A 63 7.95 5.54 41.02
CA THR A 63 7.16 6.77 41.07
C THR A 63 8.08 7.99 41.10
N ARG A 64 9.15 7.89 41.88
CA ARG A 64 10.09 8.99 41.98
C ARG A 64 10.79 9.21 40.64
N ILE A 65 11.28 8.13 40.04
CA ILE A 65 11.87 8.22 38.72
C ILE A 65 10.90 8.85 37.73
N TYR A 66 9.66 8.39 37.72
CA TYR A 66 8.68 8.88 36.77
C TYR A 66 8.30 10.35 36.96
N LYS A 67 8.19 10.81 38.21
CA LYS A 67 7.90 12.22 38.45
C LYS A 67 9.05 13.11 37.93
N ASP A 68 10.28 12.70 38.21
CA ASP A 68 11.44 13.34 37.60
C ASP A 68 11.28 13.37 36.08
N THR A 69 11.19 12.18 35.49
CA THR A 69 11.14 12.06 34.05
C THR A 69 10.06 12.94 33.44
N ALA A 70 8.96 13.09 34.17
CA ALA A 70 7.84 13.89 33.72
C ALA A 70 8.25 15.35 33.61
N GLN A 71 9.04 15.80 34.57
CA GLN A 71 9.50 17.19 34.58
C GLN A 71 10.53 17.43 33.47
N ILE A 72 11.46 16.51 33.31
CA ILE A 72 12.46 16.62 32.24
C ILE A 72 11.78 16.70 30.87
N PHE A 73 10.83 15.80 30.64
CA PHE A 73 10.12 15.79 29.37
C PHE A 73 9.39 17.13 29.14
N ARG A 74 8.90 17.74 30.22
CA ARG A 74 8.29 19.04 30.11
C ARG A 74 9.33 20.09 29.69
N ALA A 75 10.50 20.02 30.31
CA ALA A 75 11.61 20.87 29.91
C ALA A 75 11.87 20.68 28.42
N ASN A 76 12.01 19.42 28.02
CA ASN A 76 12.32 19.10 26.64
C ASN A 76 11.32 19.68 25.67
N LEU A 77 10.03 19.61 26.00
CA LEU A 77 9.03 20.21 25.12
C LEU A 77 9.27 21.72 25.01
N ASN A 78 9.61 22.36 26.13
CA ASN A 78 9.94 23.77 26.10
C ASN A 78 11.15 24.03 25.21
N THR A 79 12.27 23.41 25.56
CA THR A 79 13.49 23.56 24.79
C THR A 79 13.24 23.40 23.30
N ALA A 80 12.47 22.37 22.94
CA ALA A 80 12.12 22.11 21.55
C ALA A 80 11.49 23.33 20.88
N LEU A 81 10.63 24.05 21.60
CA LEU A 81 10.05 25.27 21.05
C LEU A 81 11.13 26.24 20.59
N GLY A 82 12.13 26.47 21.43
CA GLY A 82 13.25 27.30 21.09
C GLY A 82 14.02 26.79 19.88
N TYR A 83 14.28 25.48 19.84
CA TYR A 83 15.02 24.88 18.74
C TYR A 83 14.31 25.05 17.40
N TYR A 84 12.98 25.02 17.42
CA TYR A 84 12.23 25.02 16.17
C TYR A 84 11.48 26.32 15.93
N ASN A 85 11.69 27.29 16.81
CA ASN A 85 11.05 28.60 16.71
C ASN A 85 9.52 28.47 16.61
N GLN A 86 8.96 27.73 17.55
CA GLN A 86 7.52 27.49 17.59
C GLN A 86 6.89 28.24 18.77
N SER A 87 5.64 28.65 18.60
CA SER A 87 4.93 29.41 19.62
C SER A 87 4.53 28.54 20.81
N GLU A 88 4.16 29.18 21.92
CA GLU A 88 3.71 28.45 23.10
C GLU A 88 2.22 28.11 23.01
N ALA A 89 1.64 28.31 21.83
CA ALA A 89 0.19 28.19 21.65
C ALA A 89 -0.24 26.81 21.11
N GLY A 90 0.62 26.19 20.31
CA GLY A 90 0.33 24.90 19.73
C GLY A 90 0.67 23.75 20.66
N SER A 91 0.09 22.58 20.40
CA SER A 91 0.38 21.39 21.18
C SER A 91 1.49 20.58 20.53
N HIS A 92 2.33 19.95 21.35
CA HIS A 92 3.43 19.16 20.82
C HIS A 92 3.68 17.89 21.61
N THR A 93 4.40 16.96 20.97
CA THR A 93 4.62 15.64 21.52
C THR A 93 6.09 15.34 21.68
N PHE A 94 6.47 14.76 22.81
CA PHE A 94 7.82 14.24 22.96
C PHE A 94 7.74 12.80 23.45
N GLN A 95 8.47 11.91 22.78
CA GLN A 95 8.40 10.48 23.11
C GLN A 95 9.78 9.86 23.28
N GLU A 96 9.87 8.88 24.17
CA GLU A 96 11.05 8.05 24.27
C GLU A 96 10.69 6.58 24.22
N MET A 97 11.49 5.82 23.49
CA MET A 97 11.40 4.37 23.45
C MET A 97 12.75 3.84 23.91
N TYR A 98 12.75 2.92 24.85
CA TYR A 98 14.00 2.27 25.20
C TYR A 98 13.76 0.91 25.84
N GLY A 99 14.81 0.10 25.88
CA GLY A 99 14.71 -1.21 26.50
C GLY A 99 15.86 -2.12 26.15
N CYS A 100 15.73 -3.37 26.55
CA CYS A 100 16.75 -4.36 26.28
C CYS A 100 16.14 -5.68 25.85
N TYR A 101 16.64 -6.21 24.74
CA TYR A 101 16.35 -7.59 24.36
C TYR A 101 17.45 -8.50 24.91
N VAL A 102 17.06 -9.71 25.29
CA VAL A 102 17.99 -10.65 25.88
C VAL A 102 18.03 -11.93 25.05
N GLY A 103 19.23 -12.39 24.74
CA GLY A 103 19.41 -13.59 23.93
C GLY A 103 19.45 -14.88 24.72
N PRO A 104 19.57 -16.03 24.01
CA PRO A 104 19.49 -17.36 24.60
C PRO A 104 20.47 -17.59 25.76
N ASP A 105 21.46 -16.72 25.91
CA ASP A 105 22.41 -16.84 27.02
C ASP A 105 21.97 -15.98 28.21
N GLY A 106 20.75 -15.44 28.10
CA GLY A 106 20.19 -14.60 29.15
C GLY A 106 20.91 -13.28 29.29
N ARG A 107 21.66 -12.91 28.27
CA ARG A 107 22.44 -11.67 28.31
C ARG A 107 22.02 -10.70 27.21
N LEU A 108 22.42 -9.44 27.34
CA LEU A 108 21.98 -8.40 26.43
C LEU A 108 22.22 -8.77 24.97
N LEU A 109 21.13 -8.78 24.19
CA LEU A 109 21.20 -9.00 22.75
C LEU A 109 21.17 -7.65 22.03
N LEU A 110 20.21 -6.80 22.39
CA LEU A 110 20.09 -5.48 21.79
C LEU A 110 19.58 -4.48 22.80
N GLY A 111 20.33 -3.40 22.98
CA GLY A 111 19.88 -2.28 23.78
C GLY A 111 19.48 -1.16 22.84
N PHE A 112 18.37 -0.51 23.12
CA PHE A 112 17.90 0.58 22.28
C PHE A 112 17.31 1.66 23.15
N MET A 113 17.44 2.89 22.68
CA MET A 113 16.91 4.05 23.38
C MET A 113 16.81 5.20 22.40
N GLN A 114 15.59 5.59 22.05
CA GLN A 114 15.37 6.63 21.05
C GLN A 114 14.35 7.64 21.53
N PHE A 115 14.30 8.79 20.86
CA PHE A 115 13.38 9.87 21.19
C PHE A 115 12.77 10.44 19.93
N ALA A 116 11.62 11.07 20.07
CA ALA A 116 10.96 11.68 18.92
C ALA A 116 10.28 12.98 19.32
N TYR A 117 10.31 13.96 18.42
CA TYR A 117 9.56 15.19 18.64
C TYR A 117 8.48 15.29 17.58
N ASP A 118 7.24 15.42 18.03
CA ASP A 118 6.10 15.45 17.13
C ASP A 118 6.13 14.31 16.11
N GLY A 119 6.38 13.11 16.61
CA GLY A 119 6.25 11.90 15.81
C GLY A 119 7.32 11.68 14.77
N ARG A 120 8.44 12.38 14.89
CA ARG A 120 9.57 12.19 14.00
C ARG A 120 10.83 11.90 14.79
N ASP A 121 11.67 11.02 14.27
CA ASP A 121 12.94 10.72 14.93
C ASP A 121 13.58 12.01 15.41
N TYR A 122 14.02 12.03 16.65
CA TYR A 122 14.80 13.15 17.15
C TYR A 122 16.26 12.76 17.34
N ILE A 123 16.51 11.87 18.30
CA ILE A 123 17.85 11.34 18.54
C ILE A 123 17.74 9.91 19.04
N ALA A 124 18.73 9.08 18.73
CA ALA A 124 18.71 7.68 19.14
C ALA A 124 20.10 7.18 19.50
N LEU A 125 20.17 6.31 20.50
CA LEU A 125 21.41 5.65 20.85
C LEU A 125 21.68 4.55 19.83
N ASN A 126 22.83 4.62 19.16
CA ASN A 126 23.19 3.61 18.16
C ASN A 126 23.32 2.24 18.80
N GLU A 127 23.23 1.21 17.97
CA GLU A 127 23.23 -0.18 18.44
C GLU A 127 24.49 -0.52 19.25
N ASP A 128 25.57 0.21 19.01
CA ASP A 128 26.82 0.00 19.71
C ASP A 128 26.79 0.54 21.14
N LEU A 129 25.78 1.34 21.45
CA LEU A 129 25.60 1.91 22.78
C LEU A 129 26.74 2.83 23.19
N ARG A 130 27.48 3.36 22.21
CA ARG A 130 28.60 4.25 22.50
C ARG A 130 28.55 5.52 21.66
N SER A 131 27.48 5.68 20.90
CA SER A 131 27.33 6.84 20.03
C SER A 131 25.85 7.10 19.74
N TRP A 132 25.55 8.34 19.34
CA TRP A 132 24.17 8.74 19.04
C TRP A 132 24.01 9.08 17.57
N THR A 133 22.77 9.06 17.11
CA THR A 133 22.44 9.56 15.79
C THR A 133 21.43 10.70 15.94
N ALA A 134 21.80 11.87 15.43
CA ALA A 134 20.90 13.02 15.43
C ALA A 134 20.09 13.03 14.14
N ALA A 135 18.78 13.21 14.26
CA ALA A 135 17.91 13.11 13.09
C ALA A 135 17.92 14.40 12.28
N ASP A 136 18.06 15.53 12.95
CA ASP A 136 18.07 16.82 12.29
C ASP A 136 19.14 17.69 12.94
N THR A 137 19.19 18.97 12.57
CA THR A 137 20.24 19.83 13.09
C THR A 137 20.01 20.23 14.55
N ALA A 138 18.75 20.34 14.95
CA ALA A 138 18.46 20.61 16.36
C ALA A 138 19.02 19.51 17.26
N ALA A 139 18.73 18.26 16.92
CA ALA A 139 19.20 17.15 17.73
C ALA A 139 20.72 17.13 17.83
N GLN A 140 21.37 17.83 16.91
CA GLN A 140 22.82 17.92 16.91
C GLN A 140 23.31 18.70 18.10
N ILE A 141 22.52 19.70 18.52
CA ILE A 141 22.83 20.43 19.73
C ILE A 141 22.76 19.46 20.90
N THR A 142 21.71 18.64 20.90
CA THR A 142 21.53 17.67 21.97
C THR A 142 22.67 16.66 21.98
N LYS A 143 23.13 16.29 20.78
CA LYS A 143 24.18 15.28 20.64
C LYS A 143 25.52 15.76 21.22
N ARG A 144 25.83 17.04 21.03
CA ARG A 144 27.05 17.58 21.58
C ARG A 144 26.98 17.61 23.11
N LYS A 145 25.81 17.90 23.64
CA LYS A 145 25.66 17.98 25.09
C LYS A 145 25.77 16.59 25.75
N TRP A 146 25.12 15.60 25.15
CA TRP A 146 25.09 14.26 25.74
C TRP A 146 26.45 13.58 25.62
N GLU A 147 27.16 13.81 24.52
CA GLU A 147 28.50 13.30 24.38
C GLU A 147 29.41 13.93 25.45
N ALA A 148 29.36 15.25 25.56
CA ALA A 148 30.19 15.96 26.52
C ALA A 148 29.83 15.57 27.95
N ALA A 149 28.61 15.07 28.14
CA ALA A 149 28.15 14.68 29.46
C ALA A 149 28.34 13.18 29.71
N GLY A 150 28.95 12.50 28.74
CA GLY A 150 29.18 11.07 28.85
C GLY A 150 27.90 10.28 29.07
N GLU A 151 26.82 10.75 28.46
CA GLU A 151 25.51 10.12 28.60
C GLU A 151 25.45 8.71 28.00
N ALA A 152 26.08 8.53 26.84
CA ALA A 152 26.08 7.23 26.18
C ALA A 152 26.49 6.14 27.14
N GLU A 153 27.59 6.37 27.85
CA GLU A 153 28.18 5.37 28.72
C GLU A 153 27.23 4.90 29.79
N ARG A 154 26.70 5.85 30.56
CA ARG A 154 25.84 5.48 31.67
C ARG A 154 24.52 4.88 31.20
N GLN A 155 24.12 5.25 29.99
CA GLN A 155 22.96 4.66 29.36
C GLN A 155 23.28 3.23 28.95
N ARG A 156 24.50 3.01 28.50
CA ARG A 156 24.98 1.66 28.24
C ARG A 156 24.96 0.86 29.54
N ASN A 157 25.48 1.47 30.61
CA ASN A 157 25.52 0.82 31.92
C ASN A 157 24.16 0.30 32.34
N TYR A 158 23.14 1.12 32.14
CA TYR A 158 21.79 0.73 32.53
C TYR A 158 21.29 -0.43 31.67
N LEU A 159 21.43 -0.29 30.36
CA LEU A 159 20.89 -1.26 29.42
C LEU A 159 21.52 -2.63 29.59
N GLU A 160 22.83 -2.64 29.85
CA GLU A 160 23.55 -3.89 30.03
C GLU A 160 23.29 -4.47 31.41
N GLY A 161 23.17 -3.60 32.41
CA GLY A 161 22.99 -4.04 33.77
C GLY A 161 21.55 -4.01 34.24
N ARG A 162 21.17 -2.90 34.86
CA ARG A 162 19.84 -2.74 35.46
C ARG A 162 18.70 -3.24 34.59
N CYS A 163 18.77 -2.99 33.29
CA CYS A 163 17.66 -3.34 32.42
C CYS A 163 17.46 -4.85 32.26
N VAL A 164 18.56 -5.58 32.02
CA VAL A 164 18.44 -7.02 31.83
C VAL A 164 18.19 -7.75 33.15
N GLU A 165 18.81 -7.28 34.21
CA GLU A 165 18.60 -7.90 35.50
C GLU A 165 17.14 -7.74 35.93
N GLY A 166 16.58 -6.57 35.62
CA GLY A 166 15.16 -6.34 35.84
C GLY A 166 14.29 -7.27 35.01
N LEU A 167 14.54 -7.28 33.70
CA LEU A 167 13.80 -8.14 32.79
C LEU A 167 13.73 -9.58 33.30
N ARG A 168 14.88 -10.12 33.72
CA ARG A 168 14.94 -11.51 34.19
C ARG A 168 14.10 -11.70 35.44
N ARG A 169 14.23 -10.76 36.37
CA ARG A 169 13.41 -10.76 37.58
C ARG A 169 11.93 -10.78 37.22
N TYR A 170 11.54 -10.00 36.21
CA TYR A 170 10.14 -9.95 35.81
C TYR A 170 9.71 -11.25 35.14
N LEU A 171 10.61 -11.85 34.37
CA LEU A 171 10.30 -13.13 33.75
C LEU A 171 10.04 -14.19 34.81
N GLU A 172 10.82 -14.15 35.90
CA GLU A 172 10.64 -15.09 37.00
C GLU A 172 9.30 -14.82 37.69
N ASN A 173 9.05 -13.56 38.01
CA ASN A 173 7.78 -13.14 38.59
C ASN A 173 6.58 -13.74 37.86
N GLY A 174 6.56 -13.57 36.54
CA GLY A 174 5.44 -14.03 35.74
C GLY A 174 5.78 -15.24 34.90
N LYS A 175 6.54 -16.16 35.47
CA LYS A 175 6.97 -17.33 34.72
C LYS A 175 5.80 -18.19 34.24
N ASP A 176 4.73 -18.24 35.04
CA ASP A 176 3.60 -19.12 34.73
C ASP A 176 2.82 -18.71 33.48
N THR A 177 2.98 -17.46 33.04
CA THR A 177 2.24 -16.99 31.86
C THR A 177 3.14 -16.47 30.74
N LEU A 178 4.26 -15.87 31.11
CA LEU A 178 5.12 -15.22 30.13
C LEU A 178 5.92 -16.20 29.26
N LEU A 179 6.29 -17.35 29.82
CA LEU A 179 7.19 -18.27 29.13
C LEU A 179 6.49 -19.29 28.25
N ARG A 180 5.19 -19.44 28.43
CA ARG A 180 4.39 -20.36 27.62
C ARG A 180 3.73 -19.61 26.49
N ALA A 181 3.78 -20.18 25.28
CA ALA A 181 3.12 -19.56 24.14
C ALA A 181 1.74 -20.17 23.92
N ASP A 182 0.71 -19.31 23.85
CA ASP A 182 -0.62 -19.77 23.48
C ASP A 182 -0.68 -19.91 21.97
N PRO A 183 -0.94 -21.12 21.49
CA PRO A 183 -1.05 -21.32 20.04
C PRO A 183 -2.32 -20.62 19.54
N PRO A 184 -2.31 -20.20 18.26
CA PRO A 184 -3.55 -19.68 17.69
C PRO A 184 -4.51 -20.81 17.36
N LYS A 185 -5.79 -20.59 17.62
CA LYS A 185 -6.81 -21.49 17.13
C LYS A 185 -7.33 -20.89 15.84
N ALA A 186 -7.06 -21.57 14.73
CA ALA A 186 -7.36 -21.03 13.42
C ALA A 186 -8.54 -21.71 12.74
N HIS A 187 -9.21 -20.96 11.87
CA HIS A 187 -10.27 -21.52 11.03
C HIS A 187 -10.55 -20.61 9.86
N VAL A 188 -11.21 -21.13 8.84
CA VAL A 188 -11.57 -20.33 7.67
C VAL A 188 -13.07 -20.08 7.60
N THR A 189 -13.44 -18.85 7.26
CA THR A 189 -14.84 -18.52 7.01
C THR A 189 -15.03 -18.17 5.54
N HIS A 190 -16.28 -18.20 5.10
CA HIS A 190 -16.60 -18.14 3.69
C HIS A 190 -17.70 -17.10 3.48
N HIS A 191 -17.44 -16.12 2.63
CA HIS A 191 -18.37 -15.01 2.44
C HIS A 191 -18.54 -14.70 0.96
N PRO A 192 -19.64 -15.21 0.37
CA PRO A 192 -19.90 -14.91 -1.04
C PRO A 192 -20.00 -13.41 -1.26
N ILE A 193 -19.38 -12.94 -2.34
CA ILE A 193 -19.48 -11.55 -2.74
C ILE A 193 -20.49 -11.47 -3.88
N SER A 194 -20.34 -12.38 -4.83
CA SER A 194 -21.24 -12.49 -5.96
C SER A 194 -21.35 -13.95 -6.34
N ASP A 195 -21.96 -14.23 -7.48
CA ASP A 195 -22.07 -15.61 -7.96
C ASP A 195 -20.72 -16.09 -8.50
N ARG A 196 -19.78 -15.16 -8.61
CA ARG A 196 -18.50 -15.49 -9.22
C ARG A 196 -17.30 -15.37 -8.28
N GLU A 197 -17.41 -14.51 -7.27
CA GLU A 197 -16.33 -14.32 -6.32
C GLU A 197 -16.75 -14.59 -4.88
N VAL A 198 -15.82 -15.14 -4.09
CA VAL A 198 -16.06 -15.30 -2.67
C VAL A 198 -14.84 -14.86 -1.88
N THR A 199 -15.06 -14.29 -0.71
CA THR A 199 -13.96 -13.97 0.20
C THR A 199 -13.76 -15.13 1.16
N LEU A 200 -12.55 -15.67 1.17
CA LEU A 200 -12.16 -16.64 2.19
C LEU A 200 -11.41 -15.86 3.26
N ARG A 201 -11.83 -16.01 4.52
CA ARG A 201 -11.15 -15.31 5.59
C ARG A 201 -10.51 -16.30 6.55
N CYS A 202 -9.20 -16.15 6.75
CA CYS A 202 -8.44 -17.02 7.63
C CYS A 202 -8.23 -16.37 8.98
N TRP A 203 -8.85 -16.94 10.01
CA TRP A 203 -8.76 -16.38 11.35
C TRP A 203 -7.67 -17.03 12.19
N ALA A 204 -7.01 -16.22 13.00
CA ALA A 204 -6.08 -16.71 14.02
C ALA A 204 -6.46 -16.02 15.33
N LEU A 205 -6.84 -16.80 16.32
CA LEU A 205 -7.40 -16.22 17.55
C LEU A 205 -6.75 -16.73 18.82
N GLY A 206 -6.59 -15.84 19.79
CA GLY A 206 -6.13 -16.19 21.12
C GLY A 206 -4.70 -16.65 21.20
N PHE A 207 -3.83 -16.06 20.38
CA PHE A 207 -2.42 -16.41 20.40
C PHE A 207 -1.55 -15.41 21.16
N TYR A 208 -0.43 -15.90 21.68
CA TYR A 208 0.60 -15.08 22.30
C TYR A 208 1.94 -15.80 22.15
N PRO A 209 3.02 -15.06 21.85
CA PRO A 209 3.07 -13.59 21.75
C PRO A 209 2.46 -13.06 20.45
N GLU A 210 2.69 -11.78 20.17
CA GLU A 210 2.04 -11.07 19.07
C GLU A 210 2.48 -11.53 17.69
N GLU A 211 3.73 -11.95 17.55
CA GLU A 211 4.27 -12.33 16.25
C GLU A 211 3.49 -13.50 15.65
N ILE A 212 3.23 -13.42 14.35
CA ILE A 212 2.51 -14.49 13.67
C ILE A 212 2.61 -14.32 12.16
N SER A 213 2.52 -15.43 11.44
CA SER A 213 2.57 -15.41 9.98
C SER A 213 1.30 -16.01 9.40
N LEU A 214 0.51 -15.18 8.73
CA LEU A 214 -0.67 -15.63 8.00
C LEU A 214 -0.44 -15.42 6.52
N THR A 215 -0.38 -16.51 5.77
CA THR A 215 -0.19 -16.41 4.33
C THR A 215 -1.11 -17.33 3.56
N TRP A 216 -1.70 -16.79 2.49
CA TRP A 216 -2.54 -17.58 1.59
C TRP A 216 -1.72 -18.14 0.44
N GLN A 217 -1.88 -19.42 0.18
CA GLN A 217 -1.15 -20.06 -0.91
C GLN A 217 -2.08 -20.72 -1.92
N HIS A 218 -1.91 -20.38 -3.19
CA HIS A 218 -2.58 -21.10 -4.27
C HIS A 218 -1.61 -22.14 -4.79
N GLU A 219 -1.50 -23.25 -4.06
CA GLU A 219 -0.59 -24.32 -4.47
C GLU A 219 0.78 -23.77 -4.86
N GLY A 220 1.66 -23.61 -3.88
CA GLY A 220 3.01 -23.13 -4.13
C GLY A 220 3.19 -21.64 -3.87
N GLU A 221 2.75 -20.82 -4.82
CA GLU A 221 2.90 -19.36 -4.70
C GLU A 221 1.87 -18.76 -3.76
N ASP A 222 2.34 -17.90 -2.84
CA ASP A 222 1.42 -17.21 -1.95
C ASP A 222 0.91 -15.90 -2.57
N GLN A 223 -0.34 -15.56 -2.29
CA GLN A 223 -1.02 -14.44 -2.93
C GLN A 223 -0.95 -13.18 -2.08
N THR A 224 0.21 -12.54 -2.05
CA THR A 224 0.41 -11.36 -1.21
C THR A 224 -0.25 -10.13 -1.83
N GLN A 225 -0.41 -10.15 -3.15
CA GLN A 225 -0.87 -8.96 -3.87
C GLN A 225 -2.36 -8.64 -3.67
N ASP A 226 -3.19 -9.66 -3.59
CA ASP A 226 -4.64 -9.45 -3.62
C ASP A 226 -5.35 -9.79 -2.30
N MET A 227 -4.56 -10.03 -1.25
CA MET A 227 -5.13 -10.38 0.04
C MET A 227 -5.07 -9.23 1.04
N GLU A 228 -6.05 -9.20 1.94
CA GLU A 228 -6.14 -8.15 2.95
C GLU A 228 -5.65 -8.65 4.31
N LEU A 229 -4.50 -8.16 4.74
CA LEU A 229 -3.97 -8.48 6.06
C LEU A 229 -4.35 -7.36 7.01
N VAL A 230 -5.17 -7.65 8.00
CA VAL A 230 -5.45 -6.65 9.03
C VAL A 230 -4.34 -6.68 10.06
N GLU A 231 -4.04 -5.53 10.66
CA GLU A 231 -3.02 -5.52 11.70
C GLU A 231 -3.47 -6.38 12.88
N THR A 232 -2.51 -7.04 13.49
CA THR A 232 -2.76 -7.84 14.66
C THR A 232 -3.34 -6.96 15.76
N ARG A 233 -4.39 -7.45 16.41
CA ARG A 233 -5.13 -6.68 17.40
C ARG A 233 -5.21 -7.44 18.71
N PRO A 234 -5.36 -6.72 19.82
CA PRO A 234 -5.40 -7.32 21.15
C PRO A 234 -6.75 -7.96 21.40
N SER A 235 -6.76 -9.16 21.97
CA SER A 235 -8.01 -9.80 22.35
C SER A 235 -8.63 -9.08 23.54
N GLY A 236 -7.77 -8.49 24.36
CA GLY A 236 -8.21 -7.79 25.55
C GLY A 236 -7.91 -8.55 26.84
N ASP A 237 -7.57 -9.83 26.70
CA ASP A 237 -7.24 -10.68 27.83
C ASP A 237 -5.75 -11.03 27.79
N GLY A 238 -4.97 -10.26 27.02
CA GLY A 238 -3.56 -10.52 26.89
C GLY A 238 -3.19 -11.28 25.63
N THR A 239 -4.18 -11.91 24.99
CA THR A 239 -3.94 -12.62 23.74
C THR A 239 -4.19 -11.72 22.53
N PHE A 240 -4.01 -12.26 21.34
CA PHE A 240 -4.14 -11.48 20.11
C PHE A 240 -5.02 -12.15 19.05
N GLN A 241 -5.46 -11.36 18.07
CA GLN A 241 -6.22 -11.87 16.95
C GLN A 241 -5.72 -11.28 15.65
N LYS A 242 -5.90 -12.01 14.56
CA LYS A 242 -5.56 -11.50 13.24
C LYS A 242 -6.28 -12.34 12.20
N TRP A 243 -6.58 -11.74 11.05
CA TRP A 243 -7.04 -12.54 9.92
C TRP A 243 -6.44 -12.10 8.59
N ALA A 244 -6.53 -13.00 7.61
CA ALA A 244 -6.09 -12.72 6.26
C ALA A 244 -7.20 -13.14 5.32
N ALA A 245 -7.64 -12.21 4.47
CA ALA A 245 -8.74 -12.49 3.56
C ALA A 245 -8.20 -12.58 2.13
N LEU A 246 -8.83 -13.40 1.30
CA LEU A 246 -8.45 -13.52 -0.10
C LEU A 246 -9.65 -13.77 -1.00
N VAL A 247 -9.87 -12.88 -1.96
CA VAL A 247 -11.00 -13.03 -2.88
C VAL A 247 -10.66 -14.04 -3.96
N VAL A 248 -11.46 -15.10 -4.06
CA VAL A 248 -11.24 -16.15 -5.06
C VAL A 248 -12.54 -16.48 -5.79
N PRO A 249 -12.43 -17.22 -6.90
CA PRO A 249 -13.60 -17.58 -7.72
C PRO A 249 -14.40 -18.75 -7.14
N SER A 250 -15.72 -18.71 -7.32
CA SER A 250 -16.58 -19.81 -6.90
C SER A 250 -16.09 -21.09 -7.55
N GLY A 251 -15.99 -22.16 -6.76
CA GLY A 251 -15.56 -23.45 -7.25
C GLY A 251 -14.07 -23.68 -7.04
N GLU A 252 -13.32 -22.59 -6.91
CA GLU A 252 -11.87 -22.68 -6.77
C GLU A 252 -11.39 -22.62 -5.32
N GLU A 253 -12.30 -22.55 -4.36
CA GLU A 253 -11.88 -22.38 -2.96
C GLU A 253 -10.95 -23.50 -2.49
N GLN A 254 -11.25 -24.73 -2.89
CA GLN A 254 -10.45 -25.89 -2.48
C GLN A 254 -8.99 -25.80 -2.92
N ARG A 255 -8.69 -24.88 -3.83
CA ARG A 255 -7.35 -24.76 -4.39
C ARG A 255 -6.44 -23.85 -3.57
N TYR A 256 -7.03 -23.13 -2.62
CA TYR A 256 -6.26 -22.21 -1.78
C TYR A 256 -6.20 -22.71 -0.35
N THR A 257 -5.01 -22.62 0.23
CA THR A 257 -4.78 -23.01 1.62
C THR A 257 -4.16 -21.87 2.42
N CYS A 258 -4.62 -21.72 3.66
CA CYS A 258 -4.05 -20.73 4.55
C CYS A 258 -2.94 -21.37 5.37
N ARG A 259 -1.79 -20.70 5.44
CA ARG A 259 -0.65 -21.22 6.20
C ARG A 259 -0.37 -20.37 7.44
N VAL A 260 -0.64 -20.94 8.61
CA VAL A 260 -0.42 -20.24 9.87
C VAL A 260 0.79 -20.80 10.62
N GLN A 261 1.74 -19.95 10.99
CA GLN A 261 2.69 -20.36 12.03
C GLN A 261 2.94 -19.36 13.15
N HIS A 262 3.15 -19.93 14.33
CA HIS A 262 3.29 -19.19 15.56
C HIS A 262 4.32 -19.90 16.42
N GLU A 263 5.01 -19.14 17.28
CA GLU A 263 6.02 -19.69 18.17
C GLU A 263 5.50 -20.87 18.97
N GLY A 264 4.19 -20.87 19.22
CA GLY A 264 3.57 -21.93 20.01
C GLY A 264 2.99 -23.05 19.16
N LEU A 265 3.32 -23.06 17.88
CA LEU A 265 2.94 -24.16 16.99
C LEU A 265 4.18 -24.99 16.63
N GLN A 266 4.11 -26.28 16.94
CA GLN A 266 5.24 -27.17 16.67
C GLN A 266 5.59 -27.19 15.19
N GLU A 267 4.55 -27.12 14.36
CA GLU A 267 4.73 -27.10 12.92
C GLU A 267 3.60 -26.29 12.28
N PRO A 268 3.92 -25.60 11.17
CA PRO A 268 2.94 -24.70 10.55
C PRO A 268 1.56 -25.32 10.42
N LEU A 269 0.54 -24.48 10.50
CA LEU A 269 -0.84 -24.91 10.37
C LEU A 269 -1.32 -24.73 8.94
N THR A 270 -2.07 -25.70 8.44
CA THR A 270 -2.59 -25.63 7.07
C THR A 270 -4.11 -25.80 7.06
N LEU A 271 -4.81 -24.75 6.64
CA LEU A 271 -6.28 -24.77 6.66
C LEU A 271 -6.87 -24.62 5.27
N ARG A 272 -8.15 -24.96 5.16
CA ARG A 272 -8.88 -24.84 3.90
C ARG A 272 -10.38 -24.96 4.13
N TRP A 273 -11.15 -24.31 3.27
CA TRP A 273 -12.60 -24.44 3.31
C TRP A 273 -12.98 -25.70 2.56
N GLU A 274 -13.62 -26.64 3.25
CA GLU A 274 -13.96 -27.92 2.65
C GLU A 274 -15.41 -27.97 2.19
N ILE B 1 2.74 16.46 9.99
CA ILE B 1 3.22 15.46 10.94
C ILE B 1 2.06 14.67 11.51
N GLN B 2 0.93 14.70 10.81
CA GLN B 2 -0.30 14.08 11.27
C GLN B 2 -0.61 12.79 10.54
N ARG B 3 -0.98 11.76 11.28
CA ARG B 3 -1.36 10.49 10.69
C ARG B 3 -2.75 10.09 11.15
N PRO B 4 -3.62 9.69 10.22
CA PRO B 4 -5.01 9.34 10.51
C PRO B 4 -5.09 8.02 11.26
N PRO B 5 -6.09 7.86 12.14
CA PRO B 5 -6.28 6.59 12.86
C PRO B 5 -6.85 5.50 11.97
N LYS B 6 -6.38 4.27 12.17
CA LYS B 6 -6.99 3.10 11.56
C LYS B 6 -7.84 2.44 12.63
N ILE B 7 -8.90 1.76 12.23
CA ILE B 7 -9.88 1.30 13.21
C ILE B 7 -10.38 -0.11 12.99
N GLN B 8 -10.37 -0.90 14.05
CA GLN B 8 -11.05 -2.19 14.05
C GLN B 8 -12.02 -2.29 15.21
N VAL B 9 -13.21 -2.82 14.94
CA VAL B 9 -14.24 -2.99 15.96
C VAL B 9 -14.61 -4.46 15.98
N TYR B 10 -14.56 -5.08 17.14
CA TYR B 10 -14.67 -6.53 17.20
C TYR B 10 -14.85 -7.03 18.62
N SER B 11 -15.35 -8.25 18.75
CA SER B 11 -15.54 -8.88 20.05
C SER B 11 -14.38 -9.82 20.37
N ARG B 12 -14.16 -10.07 21.66
CA ARG B 12 -13.08 -10.94 22.10
C ARG B 12 -13.32 -12.37 21.67
N HIS B 13 -14.45 -12.90 22.08
CA HIS B 13 -14.84 -14.26 21.70
C HIS B 13 -15.87 -14.18 20.59
N PRO B 14 -16.05 -15.30 19.86
CA PRO B 14 -17.10 -15.35 18.85
C PRO B 14 -18.45 -15.02 19.46
N PRO B 15 -19.25 -14.20 18.77
CA PRO B 15 -20.54 -13.70 19.27
C PRO B 15 -21.62 -14.78 19.29
N GLU B 16 -22.36 -14.84 20.40
CA GLU B 16 -23.50 -15.74 20.52
C GLU B 16 -24.53 -15.08 21.42
N ASP B 17 -25.80 -15.12 20.98
CA ASP B 17 -26.88 -14.49 21.74
C ASP B 17 -26.86 -14.90 23.20
N GLY B 18 -27.06 -13.93 24.08
CA GLY B 18 -27.17 -14.19 25.50
C GLY B 18 -25.92 -14.71 26.16
N LYS B 19 -24.79 -14.61 25.47
CA LYS B 19 -23.52 -15.08 26.00
C LYS B 19 -22.57 -13.90 26.18
N PRO B 20 -22.28 -13.54 27.45
CA PRO B 20 -21.41 -12.41 27.83
C PRO B 20 -20.09 -12.39 27.06
N ASN B 21 -19.72 -11.21 26.59
CA ASN B 21 -18.57 -11.07 25.70
C ASN B 21 -17.86 -9.75 26.01
N TYR B 22 -16.92 -9.38 25.16
CA TYR B 22 -16.27 -8.09 25.27
C TYR B 22 -16.18 -7.41 23.91
N LEU B 23 -16.64 -6.16 23.85
CA LEU B 23 -16.56 -5.38 22.64
C LEU B 23 -15.29 -4.53 22.60
N ASN B 24 -14.54 -4.64 21.52
CA ASN B 24 -13.29 -3.93 21.38
C ASN B 24 -13.34 -2.92 20.26
N CYS B 25 -12.73 -1.76 20.50
CA CYS B 25 -12.45 -0.81 19.43
C CYS B 25 -10.97 -0.50 19.47
N TYR B 26 -10.26 -1.02 18.49
CA TYR B 26 -8.82 -0.85 18.43
C TYR B 26 -8.50 0.24 17.43
N VAL B 27 -8.01 1.37 17.90
CA VAL B 27 -7.65 2.46 17.00
C VAL B 27 -6.16 2.75 17.10
N TYR B 28 -5.50 2.84 15.95
CA TYR B 28 -4.03 2.79 15.93
C TYR B 28 -3.40 3.49 14.73
N GLY B 29 -2.10 3.73 14.82
CA GLY B 29 -1.33 4.32 13.73
C GLY B 29 -1.65 5.79 13.53
N PHE B 30 -2.00 6.48 14.61
CA PHE B 30 -2.39 7.87 14.51
C PHE B 30 -1.42 8.81 15.23
N HIS B 31 -1.56 10.10 14.96
CA HIS B 31 -0.68 11.12 15.51
C HIS B 31 -1.24 12.48 15.12
N PRO B 32 -1.39 13.40 16.08
CA PRO B 32 -0.99 13.41 17.49
C PRO B 32 -1.86 12.54 18.40
N PRO B 33 -1.45 12.38 19.68
CA PRO B 33 -2.12 11.46 20.60
C PRO B 33 -3.56 11.88 20.91
N GLN B 34 -3.87 13.16 20.83
CA GLN B 34 -5.21 13.64 21.18
C GLN B 34 -6.26 12.97 20.32
N ILE B 35 -7.09 12.15 20.97
CA ILE B 35 -8.11 11.43 20.24
C ILE B 35 -9.32 11.15 21.13
N GLU B 36 -10.48 10.97 20.49
CA GLU B 36 -11.71 10.72 21.21
C GLU B 36 -12.32 9.43 20.71
N ILE B 37 -12.40 8.44 21.57
CA ILE B 37 -12.90 7.13 21.20
C ILE B 37 -14.10 6.76 22.05
N ASP B 38 -15.27 6.72 21.43
CA ASP B 38 -16.49 6.33 22.13
C ASP B 38 -17.11 5.08 21.53
N LEU B 39 -17.47 4.14 22.38
CA LEU B 39 -18.26 2.99 21.97
C LEU B 39 -19.73 3.38 21.88
N LEU B 40 -20.42 2.93 20.82
CA LEU B 40 -21.84 3.22 20.64
C LEU B 40 -22.72 1.98 20.66
N LYS B 41 -23.89 2.11 21.27
CA LYS B 41 -24.89 1.06 21.25
C LYS B 41 -26.17 1.62 20.65
N ASN B 42 -26.57 1.07 19.51
CA ASN B 42 -27.77 1.55 18.83
C ASN B 42 -27.69 3.06 18.65
N GLY B 43 -26.50 3.56 18.37
CA GLY B 43 -26.28 4.98 18.11
C GLY B 43 -25.90 5.82 19.30
N GLU B 44 -25.98 5.26 20.51
CA GLU B 44 -25.74 6.03 21.72
C GLU B 44 -24.52 5.58 22.53
N LYS B 45 -23.83 6.55 23.13
CA LYS B 45 -22.59 6.27 23.85
C LYS B 45 -22.82 5.40 25.07
N ILE B 46 -22.00 4.37 25.24
CA ILE B 46 -22.04 3.56 26.45
C ILE B 46 -20.75 3.71 27.23
N LYS B 47 -20.79 3.31 28.50
CA LYS B 47 -19.62 3.37 29.37
C LYS B 47 -18.58 2.40 28.87
N SER B 48 -17.36 2.89 28.67
CA SER B 48 -16.27 2.05 28.19
C SER B 48 -14.95 2.35 28.89
N GLU B 49 -14.05 1.38 28.87
CA GLU B 49 -12.74 1.53 29.48
C GLU B 49 -11.71 1.74 28.37
N GLN B 50 -10.67 2.51 28.67
CA GLN B 50 -9.64 2.80 27.68
C GLN B 50 -8.26 2.41 28.19
N SER B 51 -7.45 1.85 27.30
CA SER B 51 -6.12 1.42 27.67
C SER B 51 -5.16 2.60 27.84
N ASP B 52 -4.03 2.35 28.49
CA ASP B 52 -3.01 3.38 28.68
C ASP B 52 -2.31 3.70 27.37
N LEU B 53 -2.21 5.00 27.08
CA LEU B 53 -1.58 5.47 25.87
C LEU B 53 -0.20 4.84 25.66
N SER B 54 0.01 4.27 24.48
CA SER B 54 1.29 3.69 24.11
C SER B 54 1.50 3.88 22.61
N PHE B 55 2.62 3.42 22.08
CA PHE B 55 2.90 3.63 20.65
C PHE B 55 3.83 2.59 20.05
N SER B 56 3.90 2.59 18.72
CA SER B 56 4.65 1.60 17.96
C SER B 56 6.03 2.09 17.56
N LYS B 57 6.80 1.22 16.91
CA LYS B 57 8.16 1.52 16.49
C LYS B 57 8.23 2.68 15.50
N ASP B 58 7.10 3.02 14.89
CA ASP B 58 7.10 4.15 13.96
C ASP B 58 6.57 5.41 14.62
N TRP B 59 6.46 5.35 15.95
CA TRP B 59 6.06 6.48 16.78
C TRP B 59 4.58 6.85 16.73
N SER B 60 3.79 6.09 15.96
CA SER B 60 2.34 6.25 15.94
C SER B 60 1.68 5.59 17.14
N PHE B 61 0.61 6.21 17.64
CA PHE B 61 -0.05 5.74 18.86
C PHE B 61 -1.11 4.66 18.63
N TYR B 62 -1.43 3.93 19.69
CA TYR B 62 -2.54 2.99 19.63
C TYR B 62 -3.29 2.93 20.96
N LEU B 63 -4.59 2.72 20.89
CA LEU B 63 -5.43 2.60 22.08
C LEU B 63 -6.45 1.49 21.93
N LEU B 64 -6.97 1.03 23.06
CA LEU B 64 -8.07 0.06 23.04
C LEU B 64 -9.21 0.52 23.94
N SER B 65 -10.38 0.75 23.35
CA SER B 65 -11.57 1.03 24.13
C SER B 65 -12.40 -0.24 24.14
N HIS B 66 -12.93 -0.60 25.30
CA HIS B 66 -13.66 -1.85 25.41
C HIS B 66 -14.72 -1.81 26.50
N ALA B 67 -15.74 -2.67 26.34
CA ALA B 67 -16.82 -2.77 27.30
C ALA B 67 -17.38 -4.18 27.35
N GLU B 68 -17.71 -4.66 28.55
CA GLU B 68 -18.44 -5.91 28.68
C GLU B 68 -19.81 -5.73 28.03
N PHE B 69 -20.24 -6.71 27.25
CA PHE B 69 -21.55 -6.65 26.64
C PHE B 69 -22.08 -8.03 26.31
N THR B 70 -23.39 -8.12 26.06
CA THR B 70 -24.01 -9.39 25.68
C THR B 70 -24.79 -9.27 24.38
N PRO B 71 -24.23 -9.83 23.30
CA PRO B 71 -24.84 -9.84 21.97
C PRO B 71 -26.22 -10.45 22.05
N ASN B 72 -27.19 -9.88 21.34
CA ASN B 72 -28.55 -10.42 21.36
C ASN B 72 -29.23 -10.41 20.01
N SER B 73 -28.45 -10.30 18.94
CA SER B 73 -29.01 -10.26 17.59
C SER B 73 -30.10 -9.20 17.46
N LYS B 74 -30.03 -8.17 18.29
CA LYS B 74 -30.98 -7.07 18.22
C LYS B 74 -30.21 -5.75 18.23
N ASP B 75 -29.48 -5.51 19.31
CA ASP B 75 -28.65 -4.32 19.46
C ASP B 75 -27.53 -4.26 18.43
N GLN B 76 -27.32 -3.10 17.85
CA GLN B 76 -26.15 -2.87 17.02
C GLN B 76 -25.10 -2.10 17.82
N TYR B 77 -23.84 -2.33 17.49
CA TYR B 77 -22.75 -1.59 18.11
C TYR B 77 -21.84 -1.00 17.06
N SER B 78 -21.20 0.11 17.40
CA SER B 78 -20.25 0.77 16.52
C SER B 78 -19.22 1.54 17.34
N CYS B 79 -18.15 1.99 16.71
CA CYS B 79 -17.15 2.81 17.38
C CYS B 79 -17.06 4.18 16.72
N ARG B 80 -17.05 5.23 17.54
CA ARG B 80 -16.94 6.59 17.00
C ARG B 80 -15.61 7.21 17.39
N VAL B 81 -14.93 7.78 16.41
CA VAL B 81 -13.60 8.34 16.63
C VAL B 81 -13.47 9.77 16.10
N LYS B 82 -13.10 10.68 16.98
CA LYS B 82 -12.83 12.07 16.58
C LYS B 82 -11.34 12.37 16.73
N HIS B 83 -10.79 13.05 15.73
CA HIS B 83 -9.36 13.29 15.67
C HIS B 83 -9.12 14.44 14.72
N VAL B 84 -8.00 15.15 14.87
CA VAL B 84 -7.74 16.34 14.06
C VAL B 84 -7.70 16.03 12.56
N THR B 85 -7.22 14.85 12.19
CA THR B 85 -7.12 14.49 10.78
C THR B 85 -8.47 14.13 10.18
N LEU B 86 -9.52 14.21 10.99
CA LEU B 86 -10.84 13.81 10.54
C LEU B 86 -11.82 14.97 10.48
N GLU B 87 -12.31 15.27 9.28
CA GLU B 87 -13.25 16.36 9.06
C GLU B 87 -14.47 16.22 9.96
N GLN B 88 -15.02 15.02 10.02
CA GLN B 88 -16.11 14.71 10.94
C GLN B 88 -15.88 13.35 11.58
N PRO B 89 -16.49 13.10 12.74
CA PRO B 89 -16.30 11.84 13.45
C PRO B 89 -16.48 10.64 12.53
N ARG B 90 -15.57 9.67 12.63
CA ARG B 90 -15.71 8.46 11.84
C ARG B 90 -16.40 7.42 12.68
N ILE B 91 -17.31 6.68 12.05
CA ILE B 91 -18.02 5.63 12.76
C ILE B 91 -17.79 4.30 12.06
N VAL B 92 -17.41 3.30 12.83
CA VAL B 92 -17.15 1.97 12.30
C VAL B 92 -18.10 0.99 12.98
N LYS B 93 -18.92 0.31 12.18
CA LYS B 93 -19.89 -0.63 12.73
C LYS B 93 -19.14 -1.82 13.32
N TRP B 94 -19.78 -2.49 14.28
CA TRP B 94 -19.29 -3.80 14.68
C TRP B 94 -19.92 -4.86 13.78
N ASP B 95 -19.08 -5.46 12.95
CA ASP B 95 -19.49 -6.50 12.03
C ASP B 95 -18.81 -7.80 12.46
N ARG B 96 -19.58 -8.78 12.90
CA ARG B 96 -19.02 -10.05 13.39
C ARG B 96 -18.12 -10.78 12.40
N ASP B 97 -18.19 -10.41 11.12
CA ASP B 97 -17.37 -11.06 10.11
C ASP B 97 -15.98 -10.46 10.04
N LEU B 98 -15.76 -9.38 10.79
CA LEU B 98 -14.50 -8.66 10.71
C LEU B 98 -13.81 -8.59 12.06
N ILE C 1 12.93 -2.13 36.25
CA ILE C 1 13.13 -0.80 36.72
C ILE C 1 13.48 0.07 35.57
N PRO C 2 12.93 1.27 35.52
CA PRO C 2 13.19 2.19 34.44
C PRO C 2 14.49 2.92 34.61
N ALA C 3 15.02 3.46 33.53
CA ALA C 3 16.23 4.26 33.68
C ALA C 3 15.85 5.55 34.37
N TYR C 4 16.82 6.35 34.77
CA TYR C 4 16.52 7.60 35.49
C TYR C 4 15.80 8.68 34.66
N GLY C 5 15.81 8.54 33.33
CA GLY C 5 15.10 9.46 32.45
C GLY C 5 15.44 10.92 32.69
N VAL C 6 16.74 11.23 32.67
CA VAL C 6 17.23 12.55 33.08
C VAL C 6 17.79 13.36 31.91
N LEU C 7 17.55 12.87 30.70
CA LEU C 7 18.14 13.46 29.51
C LEU C 7 17.43 14.74 29.05
N THR C 8 18.13 15.86 29.14
CA THR C 8 17.61 17.15 28.69
C THR C 8 18.12 17.43 27.29
N ILE C 9 17.22 17.53 26.32
CA ILE C 9 17.61 17.76 24.94
C ILE C 9 18.14 19.17 24.73
N SER D 1 17.03 -5.76 -24.86
CA SER D 1 15.77 -6.50 -24.80
C SER D 1 14.63 -5.72 -25.44
N HIS D 2 14.09 -6.25 -26.53
CA HIS D 2 12.95 -5.66 -27.21
C HIS D 2 11.76 -6.60 -27.22
N SER D 3 10.57 -6.06 -27.46
CA SER D 3 9.38 -6.90 -27.49
C SER D 3 8.38 -6.44 -28.53
N LEU D 4 7.56 -7.37 -28.98
CA LEU D 4 6.41 -7.09 -29.82
C LEU D 4 5.19 -7.60 -29.08
N ARG D 5 4.18 -6.75 -28.92
CA ARG D 5 3.05 -7.08 -28.07
C ARG D 5 1.73 -6.59 -28.62
N TYR D 6 0.75 -7.49 -28.66
CA TYR D 6 -0.60 -7.13 -29.07
C TYR D 6 -1.52 -7.27 -27.88
N PHE D 7 -2.52 -6.41 -27.82
CA PHE D 7 -3.48 -6.44 -26.73
C PHE D 7 -4.87 -6.39 -27.32
N TYR D 8 -5.64 -7.46 -27.12
CA TYR D 8 -7.03 -7.52 -27.59
C TYR D 8 -8.02 -7.32 -26.46
N THR D 9 -9.01 -6.48 -26.68
CA THR D 9 -10.12 -6.38 -25.74
C THR D 9 -11.47 -6.40 -26.47
N ALA D 10 -12.30 -7.36 -26.10
CA ALA D 10 -13.65 -7.46 -26.67
C ALA D 10 -14.71 -7.22 -25.60
N VAL D 11 -15.61 -6.28 -25.89
CA VAL D 11 -16.65 -5.91 -24.94
C VAL D 11 -18.04 -6.16 -25.51
N SER D 12 -18.83 -6.99 -24.84
CA SER D 12 -20.20 -7.22 -25.23
C SER D 12 -21.06 -6.05 -24.79
N ARG D 13 -22.26 -5.95 -25.35
CA ARG D 13 -23.15 -4.83 -25.05
C ARG D 13 -24.57 -5.14 -25.53
N PRO D 14 -25.23 -6.09 -24.84
CA PRO D 14 -26.55 -6.62 -25.23
C PRO D 14 -27.56 -5.52 -25.53
N GLY D 15 -28.27 -5.68 -26.65
CA GLY D 15 -29.25 -4.68 -27.07
C GLY D 15 -28.60 -3.43 -27.62
N LEU D 16 -27.27 -3.44 -27.70
CA LEU D 16 -26.54 -2.33 -28.29
C LEU D 16 -25.70 -2.81 -29.47
N GLY D 17 -26.03 -4.00 -29.97
CA GLY D 17 -25.38 -4.55 -31.15
C GLY D 17 -24.41 -5.68 -30.85
N GLU D 18 -23.38 -5.80 -31.70
CA GLU D 18 -22.36 -6.83 -31.55
C GLU D 18 -21.22 -6.35 -30.65
N PRO D 19 -20.50 -7.30 -30.05
CA PRO D 19 -19.36 -7.01 -29.16
C PRO D 19 -18.28 -6.19 -29.86
N ARG D 20 -17.97 -5.00 -29.33
CA ARG D 20 -16.89 -4.19 -29.89
C ARG D 20 -15.57 -4.88 -29.69
N PHE D 21 -14.72 -4.85 -30.71
CA PHE D 21 -13.39 -5.46 -30.62
C PHE D 21 -12.30 -4.44 -30.92
N ILE D 22 -11.31 -4.38 -30.05
CA ILE D 22 -10.23 -3.42 -30.20
C ILE D 22 -8.89 -4.13 -30.04
N ALA D 23 -7.96 -3.80 -30.92
CA ALA D 23 -6.63 -4.39 -30.88
C ALA D 23 -5.62 -3.29 -31.08
N VAL D 24 -4.69 -3.17 -30.14
CA VAL D 24 -3.61 -2.20 -30.26
C VAL D 24 -2.28 -2.93 -30.25
N GLY D 25 -1.33 -2.40 -31.01
CA GLY D 25 -0.02 -3.00 -31.15
C GLY D 25 1.06 -2.19 -30.50
N TYR D 26 2.03 -2.87 -29.90
CA TYR D 26 3.14 -2.23 -29.23
C TYR D 26 4.47 -2.84 -29.64
N VAL D 27 5.44 -1.98 -29.90
CA VAL D 27 6.84 -2.40 -29.96
C VAL D 27 7.51 -1.65 -28.82
N ASP D 28 8.01 -2.40 -27.83
CA ASP D 28 8.41 -1.79 -26.58
C ASP D 28 7.27 -0.92 -26.08
N ASP D 29 7.59 0.24 -25.52
CA ASP D 29 6.56 1.11 -24.98
C ASP D 29 6.05 2.12 -26.00
N THR D 30 6.04 1.70 -27.27
CA THR D 30 5.53 2.53 -28.36
C THR D 30 4.36 1.86 -29.05
N GLN D 31 3.16 2.44 -28.91
CA GLN D 31 2.01 1.92 -29.63
C GLN D 31 2.25 2.18 -31.12
N PHE D 32 2.14 1.15 -31.96
CA PHE D 32 2.44 1.34 -33.39
C PHE D 32 1.29 1.03 -34.35
N THR D 33 0.33 0.21 -33.92
CA THR D 33 -0.86 -0.03 -34.72
C THR D 33 -2.12 -0.03 -33.85
N ARG D 34 -3.29 -0.02 -34.49
CA ARG D 34 -4.55 -0.10 -33.78
C ARG D 34 -5.72 -0.43 -34.68
N PHE D 35 -6.59 -1.32 -34.23
CA PHE D 35 -7.81 -1.69 -34.95
C PHE D 35 -9.01 -1.57 -34.02
N ASP D 36 -10.11 -1.00 -34.52
CA ASP D 36 -11.31 -0.80 -33.72
C ASP D 36 -12.57 -1.10 -34.53
N SER D 37 -13.22 -2.23 -34.21
CA SER D 37 -14.39 -2.69 -34.95
C SER D 37 -15.52 -1.66 -35.02
N ASP D 38 -15.45 -0.62 -34.19
CA ASP D 38 -16.50 0.39 -34.19
C ASP D 38 -16.26 1.47 -35.23
N ALA D 39 -15.05 1.51 -35.79
CA ALA D 39 -14.70 2.49 -36.81
C ALA D 39 -15.61 2.36 -38.03
N PRO D 40 -15.92 3.51 -38.68
CA PRO D 40 -16.79 3.53 -39.86
C PRO D 40 -16.36 2.52 -40.91
N ASN D 41 -15.04 2.33 -41.04
CA ASN D 41 -14.51 1.31 -41.93
C ASN D 41 -13.33 0.61 -41.28
N PRO D 42 -13.61 -0.40 -40.46
CA PRO D 42 -12.60 -1.07 -39.62
C PRO D 42 -11.33 -1.42 -40.39
N ARG D 43 -10.21 -0.89 -39.92
CA ARG D 43 -8.92 -1.20 -40.52
C ARG D 43 -7.78 -1.06 -39.51
N ASP D 44 -6.90 -2.05 -39.44
CA ASP D 44 -5.70 -1.88 -38.62
C ASP D 44 -4.93 -0.65 -39.14
N GLU D 45 -4.76 0.37 -38.29
CA GLU D 45 -4.14 1.62 -38.72
C GLU D 45 -2.79 1.85 -38.03
N PRO D 46 -1.86 2.49 -38.74
CA PRO D 46 -0.60 2.94 -38.15
C PRO D 46 -0.83 4.08 -37.16
N ARG D 47 -0.13 4.06 -36.04
CA ARG D 47 -0.27 5.07 -35.00
C ARG D 47 1.10 5.62 -34.64
N VAL D 48 2.01 5.51 -35.61
CA VAL D 48 3.35 6.05 -35.50
C VAL D 48 3.85 6.27 -36.93
N PRO D 49 4.59 7.37 -37.16
CA PRO D 49 4.97 7.72 -38.53
C PRO D 49 5.88 6.69 -39.22
N TRP D 50 6.59 5.85 -38.47
CA TRP D 50 7.46 4.85 -39.11
C TRP D 50 6.72 3.61 -39.59
N MET D 51 5.40 3.59 -39.43
CA MET D 51 4.57 2.50 -39.95
C MET D 51 3.87 2.90 -41.24
N GLU D 52 3.98 4.16 -41.60
CA GLU D 52 3.40 4.66 -42.84
C GLU D 52 4.08 4.10 -44.08
N GLN D 53 5.30 3.58 -43.91
CA GLN D 53 6.03 3.03 -45.03
C GLN D 53 5.44 1.69 -45.46
N GLU D 54 4.77 1.01 -44.54
CA GLU D 54 4.04 -0.22 -44.87
C GLU D 54 2.84 0.10 -45.79
N GLY D 55 2.64 -0.74 -46.80
CA GLY D 55 1.59 -0.51 -47.78
C GLY D 55 0.25 -1.18 -47.47
N PRO D 56 -0.74 -0.94 -48.34
CA PRO D 56 -2.12 -1.41 -48.17
C PRO D 56 -2.21 -2.91 -48.02
N GLU D 57 -1.40 -3.67 -48.73
CA GLU D 57 -1.50 -5.13 -48.66
C GLU D 57 -1.14 -5.61 -47.26
N TYR D 58 -0.24 -4.88 -46.59
CA TYR D 58 0.14 -5.18 -45.22
C TYR D 58 -1.02 -4.90 -44.25
N TRP D 59 -1.64 -3.74 -44.41
CA TRP D 59 -2.77 -3.36 -43.56
C TRP D 59 -3.99 -4.23 -43.86
N ASP D 60 -4.16 -4.61 -45.13
CA ASP D 60 -5.21 -5.52 -45.53
C ASP D 60 -5.11 -6.86 -44.79
N ARG D 61 -3.92 -7.44 -44.76
CA ARG D 61 -3.75 -8.71 -44.07
C ARG D 61 -4.19 -8.60 -42.62
N ASN D 62 -3.64 -7.62 -41.91
CA ASN D 62 -3.96 -7.40 -40.51
C ASN D 62 -5.45 -7.20 -40.29
N THR D 63 -6.06 -6.33 -41.09
CA THR D 63 -7.49 -6.06 -41.00
C THR D 63 -8.30 -7.35 -41.08
N ARG D 64 -7.95 -8.22 -42.00
CA ARG D 64 -8.59 -9.54 -42.10
C ARG D 64 -8.42 -10.32 -40.79
N ILE D 65 -7.18 -10.39 -40.30
CA ILE D 65 -6.84 -11.13 -39.08
C ILE D 65 -7.66 -10.65 -37.89
N TYR D 66 -7.81 -9.33 -37.78
CA TYR D 66 -8.53 -8.75 -36.66
C TYR D 66 -10.03 -9.01 -36.76
N LYS D 67 -10.60 -8.82 -37.95
CA LYS D 67 -12.00 -9.11 -38.18
C LYS D 67 -12.33 -10.55 -37.77
N ASP D 68 -11.45 -11.48 -38.15
CA ASP D 68 -11.63 -12.88 -37.81
C ASP D 68 -11.56 -13.06 -36.30
N THR D 69 -10.55 -12.46 -35.68
CA THR D 69 -10.38 -12.60 -34.25
C THR D 69 -11.53 -11.94 -33.53
N ALA D 70 -11.99 -10.80 -34.05
CA ALA D 70 -13.14 -10.13 -33.47
C ALA D 70 -14.29 -11.11 -33.31
N GLN D 71 -14.48 -11.95 -34.32
CA GLN D 71 -15.57 -12.94 -34.31
C GLN D 71 -15.27 -14.18 -33.48
N ILE D 72 -14.03 -14.55 -33.30
CA ILE D 72 -13.72 -15.64 -32.41
C ILE D 72 -13.99 -15.21 -31.01
N PHE D 73 -13.73 -13.96 -30.74
CA PHE D 73 -13.96 -13.41 -29.41
C PHE D 73 -15.44 -13.29 -29.09
N ARG D 74 -16.24 -12.89 -30.07
CA ARG D 74 -17.68 -12.83 -29.89
C ARG D 74 -18.22 -14.22 -29.51
N ALA D 75 -17.69 -15.24 -30.17
CA ALA D 75 -18.05 -16.61 -29.85
C ALA D 75 -17.62 -16.97 -28.43
N ASN D 76 -16.38 -16.63 -28.09
CA ASN D 76 -15.84 -16.91 -26.76
C ASN D 76 -16.64 -16.23 -25.66
N LEU D 77 -17.06 -14.98 -25.89
CA LEU D 77 -17.95 -14.29 -24.97
C LEU D 77 -19.19 -15.14 -24.69
N ASN D 78 -19.83 -15.62 -25.75
CA ASN D 78 -21.06 -16.39 -25.61
C ASN D 78 -20.84 -17.76 -24.96
N THR D 79 -19.79 -18.46 -25.38
CA THR D 79 -19.41 -19.71 -24.73
C THR D 79 -19.26 -19.51 -23.22
N ALA D 80 -18.67 -18.37 -22.83
CA ALA D 80 -18.43 -18.07 -21.42
C ALA D 80 -19.73 -17.97 -20.63
N LEU D 81 -20.73 -17.31 -21.19
CA LEU D 81 -22.03 -17.20 -20.54
C LEU D 81 -22.55 -18.58 -20.14
N GLY D 82 -22.26 -19.58 -20.96
CA GLY D 82 -22.70 -20.94 -20.70
C GLY D 82 -21.84 -21.58 -19.63
N TYR D 83 -20.56 -21.24 -19.65
CA TYR D 83 -19.62 -21.72 -18.65
C TYR D 83 -19.97 -21.21 -17.25
N TYR D 84 -20.35 -19.93 -17.17
CA TYR D 84 -20.61 -19.27 -15.89
C TYR D 84 -22.08 -19.20 -15.48
N ASN D 85 -22.95 -19.81 -16.29
CA ASN D 85 -24.40 -19.66 -16.18
C ASN D 85 -24.89 -18.22 -16.02
N GLN D 86 -24.43 -17.35 -16.90
CA GLN D 86 -24.84 -15.95 -16.87
C GLN D 86 -25.78 -15.65 -18.03
N SER D 87 -26.59 -14.61 -17.85
CA SER D 87 -27.58 -14.25 -18.83
C SER D 87 -26.94 -13.51 -19.98
N GLU D 88 -27.77 -13.16 -20.96
CA GLU D 88 -27.33 -12.43 -22.14
C GLU D 88 -27.75 -10.98 -22.02
N ALA D 89 -27.95 -10.52 -20.79
CA ALA D 89 -28.36 -9.13 -20.55
C ALA D 89 -27.18 -8.29 -20.07
N GLY D 90 -26.24 -8.94 -19.40
CA GLY D 90 -25.11 -8.24 -18.82
C GLY D 90 -23.93 -8.11 -19.77
N SER D 91 -23.31 -6.94 -19.79
CA SER D 91 -22.11 -6.72 -20.58
C SER D 91 -20.92 -7.49 -20.01
N HIS D 92 -20.07 -8.01 -20.88
CA HIS D 92 -18.93 -8.79 -20.44
C HIS D 92 -17.67 -8.49 -21.24
N THR D 93 -16.53 -8.97 -20.75
CA THR D 93 -15.24 -8.60 -21.29
C THR D 93 -14.37 -9.84 -21.54
N PHE D 94 -13.75 -9.89 -22.71
CA PHE D 94 -12.76 -10.90 -22.98
C PHE D 94 -11.51 -10.21 -23.53
N GLN D 95 -10.34 -10.58 -23.01
CA GLN D 95 -9.09 -9.92 -23.36
C GLN D 95 -8.01 -10.93 -23.66
N GLU D 96 -7.07 -10.54 -24.52
CA GLU D 96 -5.89 -11.36 -24.74
C GLU D 96 -4.61 -10.53 -24.78
N MET D 97 -3.57 -11.04 -24.14
CA MET D 97 -2.24 -10.47 -24.21
C MET D 97 -1.32 -11.51 -24.81
N TYR D 98 -0.52 -11.11 -25.79
CA TYR D 98 0.52 -12.01 -26.27
C TYR D 98 1.64 -11.21 -26.92
N GLY D 99 2.82 -11.83 -26.97
CA GLY D 99 3.96 -11.20 -27.62
C GLY D 99 5.25 -12.00 -27.46
N CYS D 100 6.34 -11.40 -27.91
CA CYS D 100 7.65 -12.02 -27.79
C CYS D 100 8.70 -11.01 -27.34
N TYR D 101 9.42 -11.38 -26.29
CA TYR D 101 10.59 -10.63 -25.89
C TYR D 101 11.81 -11.25 -26.57
N VAL D 102 12.57 -10.43 -27.27
CA VAL D 102 13.76 -10.88 -27.98
C VAL D 102 15.03 -10.33 -27.34
N GLY D 103 16.00 -11.21 -27.11
CA GLY D 103 17.22 -10.83 -26.43
C GLY D 103 18.29 -10.26 -27.35
N PRO D 104 19.52 -10.13 -26.83
CA PRO D 104 20.66 -9.60 -27.56
C PRO D 104 20.93 -10.38 -28.85
N ASP D 105 20.97 -11.71 -28.73
CA ASP D 105 21.34 -12.59 -29.84
C ASP D 105 20.32 -12.58 -30.98
N GLY D 106 19.18 -11.93 -30.77
CA GLY D 106 18.13 -11.89 -31.77
C GLY D 106 17.16 -13.05 -31.63
N ARG D 107 17.46 -13.99 -30.74
CA ARG D 107 16.60 -15.14 -30.50
C ARG D 107 15.56 -14.89 -29.41
N LEU D 108 14.51 -15.70 -29.38
CA LEU D 108 13.41 -15.53 -28.45
C LEU D 108 13.85 -15.71 -26.99
N LEU D 109 13.49 -14.75 -26.15
CA LEU D 109 13.85 -14.77 -24.74
C LEU D 109 12.65 -15.24 -23.93
N LEU D 110 11.51 -14.59 -24.12
CA LEU D 110 10.27 -14.99 -23.48
C LEU D 110 9.07 -14.82 -24.42
N GLY D 111 8.29 -15.88 -24.55
CA GLY D 111 7.04 -15.81 -25.29
C GLY D 111 5.90 -15.90 -24.31
N PHE D 112 4.83 -15.14 -24.53
CA PHE D 112 3.69 -15.15 -23.62
C PHE D 112 2.37 -14.99 -24.35
N MET D 113 1.29 -15.41 -23.70
CA MET D 113 -0.05 -15.35 -24.26
C MET D 113 -1.10 -15.71 -23.23
N GLN D 114 -1.92 -14.74 -22.85
CA GLN D 114 -2.84 -14.91 -21.74
C GLN D 114 -4.23 -14.37 -22.07
N PHE D 115 -5.24 -14.99 -21.47
CA PHE D 115 -6.62 -14.58 -21.67
C PHE D 115 -7.28 -14.26 -20.34
N ALA D 116 -8.32 -13.44 -20.39
CA ALA D 116 -9.00 -13.02 -19.19
C ALA D 116 -10.46 -12.70 -19.46
N TYR D 117 -11.34 -13.29 -18.67
CA TYR D 117 -12.76 -12.99 -18.76
C TYR D 117 -13.15 -12.01 -17.65
N ASP D 118 -13.81 -10.93 -18.03
CA ASP D 118 -14.16 -9.88 -17.08
C ASP D 118 -13.00 -9.47 -16.17
N GLY D 119 -11.80 -9.39 -16.75
CA GLY D 119 -10.66 -8.85 -16.06
C GLY D 119 -9.95 -9.81 -15.13
N ARG D 120 -10.26 -11.10 -15.24
CA ARG D 120 -9.62 -12.09 -14.39
C ARG D 120 -8.97 -13.21 -15.20
N ASP D 121 -7.84 -13.72 -14.71
CA ASP D 121 -7.16 -14.82 -15.37
C ASP D 121 -8.16 -15.86 -15.85
N TYR D 122 -7.95 -16.37 -17.05
CA TYR D 122 -8.75 -17.47 -17.56
C TYR D 122 -7.82 -18.61 -17.94
N ILE D 123 -7.02 -18.39 -18.98
CA ILE D 123 -6.03 -19.38 -19.36
C ILE D 123 -4.81 -18.68 -19.92
N ALA D 124 -3.66 -19.36 -19.87
CA ALA D 124 -2.41 -18.74 -20.28
C ALA D 124 -1.39 -19.78 -20.72
N LEU D 125 -0.65 -19.46 -21.79
CA LEU D 125 0.40 -20.34 -22.25
C LEU D 125 1.61 -20.25 -21.32
N ASN D 126 2.03 -21.39 -20.79
CA ASN D 126 3.16 -21.45 -19.88
C ASN D 126 4.46 -21.07 -20.59
N GLU D 127 5.45 -20.67 -19.79
CA GLU D 127 6.71 -20.18 -20.30
C GLU D 127 7.36 -21.14 -21.30
N ASP D 128 7.13 -22.43 -21.10
CA ASP D 128 7.73 -23.46 -21.97
C ASP D 128 7.06 -23.53 -23.34
N LEU D 129 5.93 -22.84 -23.49
CA LEU D 129 5.18 -22.81 -24.75
C LEU D 129 4.78 -24.21 -25.22
N ARG D 130 4.41 -25.08 -24.28
CA ARG D 130 4.03 -26.45 -24.60
C ARG D 130 2.92 -26.95 -23.68
N SER D 131 2.45 -26.07 -22.79
CA SER D 131 1.41 -26.43 -21.84
C SER D 131 0.64 -25.21 -21.39
N TRP D 132 -0.54 -25.42 -20.80
CA TRP D 132 -1.40 -24.31 -20.40
C TRP D 132 -1.68 -24.29 -18.90
N THR D 133 -2.12 -23.13 -18.41
CA THR D 133 -2.56 -23.02 -17.03
C THR D 133 -3.98 -22.47 -16.99
N ALA D 134 -4.89 -23.30 -16.50
CA ALA D 134 -6.28 -22.89 -16.35
C ALA D 134 -6.48 -22.25 -14.99
N ALA D 135 -7.13 -21.09 -14.98
CA ALA D 135 -7.38 -20.38 -13.73
C ALA D 135 -8.40 -21.15 -12.90
N ASP D 136 -9.63 -21.17 -13.39
CA ASP D 136 -10.70 -21.92 -12.76
C ASP D 136 -10.88 -23.28 -13.43
N THR D 137 -12.09 -23.82 -13.35
CA THR D 137 -12.40 -25.10 -13.97
C THR D 137 -13.08 -24.93 -15.33
N ALA D 138 -13.77 -23.80 -15.52
CA ALA D 138 -14.30 -23.46 -16.83
C ALA D 138 -13.16 -23.50 -17.85
N ALA D 139 -12.05 -22.87 -17.50
CA ALA D 139 -10.87 -22.86 -18.34
C ALA D 139 -10.30 -24.26 -18.50
N GLN D 140 -10.71 -25.16 -17.62
CA GLN D 140 -10.24 -26.55 -17.69
C GLN D 140 -10.84 -27.28 -18.88
N ILE D 141 -12.07 -26.92 -19.24
CA ILE D 141 -12.67 -27.42 -20.47
C ILE D 141 -11.77 -27.02 -21.62
N THR D 142 -11.52 -25.70 -21.70
CA THR D 142 -10.70 -25.12 -22.74
C THR D 142 -9.35 -25.81 -22.83
N LYS D 143 -8.74 -26.08 -21.68
CA LYS D 143 -7.40 -26.64 -21.65
C LYS D 143 -7.32 -28.04 -22.28
N ARG D 144 -8.39 -28.82 -22.12
CA ARG D 144 -8.45 -30.15 -22.73
C ARG D 144 -8.61 -29.99 -24.24
N LYS D 145 -9.58 -29.20 -24.62
CA LYS D 145 -9.77 -28.81 -25.98
C LYS D 145 -8.45 -28.46 -26.66
N TRP D 146 -7.83 -27.40 -26.21
CA TRP D 146 -6.63 -26.87 -26.83
C TRP D 146 -5.46 -27.86 -26.81
N GLU D 147 -5.45 -28.76 -25.84
CA GLU D 147 -4.43 -29.80 -25.78
C GLU D 147 -4.67 -30.85 -26.86
N ALA D 148 -5.93 -31.19 -27.07
CA ALA D 148 -6.33 -32.10 -28.13
C ALA D 148 -6.03 -31.47 -29.48
N ALA D 149 -6.54 -30.25 -29.67
CA ALA D 149 -6.35 -29.51 -30.92
C ALA D 149 -4.89 -29.12 -31.13
N GLY D 150 -4.08 -29.33 -30.10
CA GLY D 150 -2.66 -29.04 -30.18
C GLY D 150 -2.37 -27.56 -30.43
N GLU D 151 -3.16 -26.70 -29.80
CA GLU D 151 -2.96 -25.26 -29.94
C GLU D 151 -1.60 -24.80 -29.47
N ALA D 152 -1.09 -25.40 -28.41
CA ALA D 152 0.20 -24.99 -27.87
C ALA D 152 1.25 -24.91 -28.97
N GLU D 153 1.42 -26.02 -29.69
CA GLU D 153 2.41 -26.09 -30.76
C GLU D 153 2.19 -24.99 -31.79
N ARG D 154 0.93 -24.73 -32.12
CA ARG D 154 0.64 -23.71 -33.10
C ARG D 154 1.04 -22.32 -32.61
N GLN D 155 0.58 -21.97 -31.42
CA GLN D 155 0.90 -20.69 -30.82
C GLN D 155 2.42 -20.52 -30.71
N ARG D 156 3.11 -21.59 -30.34
CA ARG D 156 4.56 -21.55 -30.21
C ARG D 156 5.20 -21.15 -31.53
N ASN D 157 4.89 -21.91 -32.57
CA ASN D 157 5.45 -21.65 -33.90
C ASN D 157 5.31 -20.18 -34.29
N TYR D 158 4.25 -19.53 -33.80
CA TYR D 158 4.08 -18.11 -34.03
C TYR D 158 5.06 -17.28 -33.20
N LEU D 159 5.02 -17.50 -31.88
CA LEU D 159 5.87 -16.76 -30.96
C LEU D 159 7.35 -16.92 -31.28
N GLU D 160 7.73 -18.09 -31.80
CA GLU D 160 9.13 -18.37 -32.13
C GLU D 160 9.50 -17.93 -33.54
N GLY D 161 8.50 -17.75 -34.39
CA GLY D 161 8.75 -17.45 -35.79
C GLY D 161 8.21 -16.10 -36.22
N ARG D 162 6.97 -16.10 -36.70
CA ARG D 162 6.32 -14.88 -37.17
C ARG D 162 6.56 -13.67 -36.26
N CYS D 163 6.39 -13.87 -34.95
CA CYS D 163 6.46 -12.78 -33.99
C CYS D 163 7.84 -12.10 -33.93
N VAL D 164 8.88 -12.90 -33.71
CA VAL D 164 10.22 -12.36 -33.57
C VAL D 164 10.72 -11.79 -34.89
N GLU D 165 10.18 -12.31 -35.99
CA GLU D 165 10.58 -11.86 -37.31
C GLU D 165 9.89 -10.54 -37.61
N GLY D 166 8.65 -10.41 -37.13
CA GLY D 166 7.94 -9.16 -37.26
C GLY D 166 8.62 -8.08 -36.44
N LEU D 167 9.12 -8.46 -35.28
CA LEU D 167 9.82 -7.53 -34.40
C LEU D 167 11.08 -6.97 -35.03
N ARG D 168 11.86 -7.84 -35.67
CA ARG D 168 13.08 -7.39 -36.34
C ARG D 168 12.72 -6.35 -37.40
N ARG D 169 11.63 -6.62 -38.11
CA ARG D 169 11.17 -5.76 -39.19
C ARG D 169 10.71 -4.38 -38.70
N TYR D 170 9.97 -4.37 -37.59
CA TYR D 170 9.46 -3.11 -37.04
C TYR D 170 10.56 -2.28 -36.40
N LEU D 171 11.51 -2.95 -35.78
CA LEU D 171 12.67 -2.27 -35.20
C LEU D 171 13.51 -1.61 -36.28
N GLU D 172 13.55 -2.22 -37.46
CA GLU D 172 14.24 -1.62 -38.60
C GLU D 172 13.47 -0.41 -39.13
N ASN D 173 12.15 -0.55 -39.23
CA ASN D 173 11.31 0.54 -39.70
C ASN D 173 11.45 1.80 -38.85
N GLY D 174 11.63 1.59 -37.55
CA GLY D 174 11.67 2.71 -36.61
C GLY D 174 13.02 2.87 -35.95
N LYS D 175 14.05 2.37 -36.63
CA LYS D 175 15.40 2.36 -36.08
C LYS D 175 15.87 3.75 -35.63
N ASP D 176 15.24 4.79 -36.19
CA ASP D 176 15.63 6.16 -35.90
C ASP D 176 15.14 6.64 -34.54
N THR D 177 14.17 5.94 -33.96
CA THR D 177 13.58 6.38 -32.69
C THR D 177 13.47 5.28 -31.63
N LEU D 178 13.27 4.04 -32.07
CA LEU D 178 13.01 2.95 -31.14
C LEU D 178 14.27 2.48 -30.41
N LEU D 179 15.42 2.67 -31.03
CA LEU D 179 16.66 2.16 -30.47
C LEU D 179 17.35 3.16 -29.54
N ARG D 180 16.97 4.42 -29.65
CA ARG D 180 17.57 5.46 -28.83
C ARG D 180 16.72 5.69 -27.58
N ALA D 181 17.37 5.64 -26.42
CA ALA D 181 16.68 5.90 -25.17
C ALA D 181 16.76 7.38 -24.81
N ASP D 182 15.60 8.00 -24.57
CA ASP D 182 15.54 9.36 -24.11
C ASP D 182 15.76 9.36 -22.61
N PRO D 183 16.85 9.97 -22.14
CA PRO D 183 17.06 10.05 -20.69
C PRO D 183 16.04 11.00 -20.08
N PRO D 184 15.70 10.79 -18.82
CA PRO D 184 14.76 11.69 -18.14
C PRO D 184 15.44 13.00 -17.77
N LYS D 185 14.72 14.12 -17.91
CA LYS D 185 15.19 15.38 -17.37
C LYS D 185 14.59 15.51 -15.99
N ALA D 186 15.44 15.58 -14.97
CA ALA D 186 14.96 15.57 -13.60
C ALA D 186 15.26 16.86 -12.84
N HIS D 187 14.45 17.15 -11.84
CA HIS D 187 14.67 18.28 -10.96
C HIS D 187 13.83 18.13 -9.70
N VAL D 188 14.05 19.01 -8.74
CA VAL D 188 13.29 18.99 -7.50
C VAL D 188 12.59 20.31 -7.29
N THR D 189 11.31 20.24 -6.92
CA THR D 189 10.58 21.44 -6.58
C THR D 189 10.33 21.48 -5.09
N HIS D 190 10.02 22.67 -4.58
CA HIS D 190 9.92 22.89 -3.14
C HIS D 190 8.59 23.53 -2.81
N HIS D 191 7.82 22.89 -1.94
CA HIS D 191 6.50 23.39 -1.57
C HIS D 191 6.24 23.27 -0.07
N PRO D 192 6.17 24.42 0.62
CA PRO D 192 5.90 24.48 2.06
C PRO D 192 4.47 24.11 2.43
N ILE D 193 4.33 23.12 3.30
CA ILE D 193 3.02 22.69 3.82
C ILE D 193 2.62 23.56 5.00
N SER D 194 3.52 23.66 5.96
CA SER D 194 3.33 24.50 7.14
C SER D 194 4.64 25.21 7.45
N ASP D 195 4.80 25.64 8.70
CA ASP D 195 6.03 26.32 9.11
C ASP D 195 7.13 25.34 9.46
N ARG D 196 6.78 24.06 9.49
CA ARG D 196 7.70 23.03 9.96
C ARG D 196 7.88 21.91 8.94
N GLU D 197 6.92 21.79 8.01
CA GLU D 197 7.00 20.75 6.98
C GLU D 197 7.04 21.34 5.59
N VAL D 198 7.72 20.65 4.68
CA VAL D 198 7.71 21.03 3.27
C VAL D 198 7.65 19.78 2.39
N THR D 199 7.12 19.96 1.19
CA THR D 199 7.08 18.86 0.23
C THR D 199 8.18 19.03 -0.81
N LEU D 200 9.06 18.05 -0.90
CA LEU D 200 10.04 18.00 -1.96
C LEU D 200 9.53 17.05 -3.04
N ARG D 201 9.37 17.56 -4.26
CA ARG D 201 8.90 16.70 -5.34
C ARG D 201 10.01 16.49 -6.38
N CYS D 202 10.38 15.24 -6.56
CA CYS D 202 11.40 14.88 -7.53
C CYS D 202 10.71 14.56 -8.86
N TRP D 203 11.03 15.34 -9.89
CA TRP D 203 10.39 15.17 -11.19
C TRP D 203 11.29 14.45 -12.19
N ALA D 204 10.68 13.61 -13.03
CA ALA D 204 11.38 13.00 -14.15
C ALA D 204 10.56 13.15 -15.43
N LEU D 205 11.07 13.92 -16.37
CA LEU D 205 10.31 14.24 -17.57
C LEU D 205 10.97 13.75 -18.86
N GLY D 206 10.14 13.52 -19.88
CA GLY D 206 10.59 13.25 -21.23
C GLY D 206 11.48 12.05 -21.42
N PHE D 207 11.19 10.96 -20.74
CA PHE D 207 12.03 9.76 -20.81
C PHE D 207 11.36 8.59 -21.51
N TYR D 208 12.18 7.67 -22.02
CA TYR D 208 11.72 6.50 -22.73
C TYR D 208 12.89 5.53 -22.83
N PRO D 209 12.64 4.23 -22.60
CA PRO D 209 11.35 3.61 -22.30
C PRO D 209 10.76 3.95 -20.93
N GLU D 210 9.63 3.33 -20.60
CA GLU D 210 8.83 3.66 -19.43
C GLU D 210 9.48 3.25 -18.12
N GLU D 211 10.22 2.14 -18.15
CA GLU D 211 10.90 1.63 -16.97
C GLU D 211 11.74 2.71 -16.31
N ILE D 212 11.52 2.94 -15.03
CA ILE D 212 12.29 3.94 -14.30
C ILE D 212 12.22 3.72 -12.80
N SER D 213 13.21 4.23 -12.08
CA SER D 213 13.21 4.14 -10.63
C SER D 213 13.43 5.50 -10.01
N LEU D 214 12.48 5.93 -9.19
CA LEU D 214 12.58 7.16 -8.44
C LEU D 214 12.56 6.83 -6.96
N THR D 215 13.69 7.06 -6.29
CA THR D 215 13.75 6.77 -4.86
C THR D 215 14.28 7.95 -4.07
N TRP D 216 13.63 8.24 -2.95
CA TRP D 216 14.08 9.29 -2.05
C TRP D 216 14.91 8.69 -0.95
N GLN D 217 16.17 9.11 -0.86
CA GLN D 217 17.06 8.58 0.16
C GLN D 217 17.33 9.62 1.23
N HIS D 218 17.34 9.18 2.48
CA HIS D 218 17.83 10.02 3.56
C HIS D 218 19.21 9.50 3.96
N GLU D 219 20.22 9.94 3.24
CA GLU D 219 21.60 9.52 3.51
C GLU D 219 21.65 8.01 3.77
N GLY D 220 21.82 7.25 2.70
CA GLY D 220 21.88 5.81 2.80
C GLY D 220 20.54 5.13 2.60
N GLU D 221 19.66 5.26 3.59
CA GLU D 221 18.38 4.56 3.57
C GLU D 221 17.30 5.33 2.82
N ASP D 222 16.68 4.69 1.85
CA ASP D 222 15.62 5.35 1.08
C ASP D 222 14.26 5.21 1.75
N GLN D 223 13.45 6.27 1.66
CA GLN D 223 12.22 6.40 2.43
C GLN D 223 11.01 5.84 1.71
N THR D 224 10.98 4.53 1.53
CA THR D 224 9.90 3.86 0.81
C THR D 224 8.55 4.03 1.52
N GLN D 225 8.60 4.29 2.81
CA GLN D 225 7.40 4.20 3.64
C GLN D 225 6.50 5.44 3.64
N ASP D 226 7.08 6.62 3.44
CA ASP D 226 6.32 7.85 3.67
C ASP D 226 6.29 8.80 2.48
N MET D 227 6.72 8.32 1.32
CA MET D 227 6.69 9.14 0.10
C MET D 227 5.51 8.76 -0.78
N GLU D 228 5.20 9.63 -1.75
CA GLU D 228 4.12 9.37 -2.70
C GLU D 228 4.70 9.17 -4.09
N LEU D 229 4.55 7.95 -4.62
CA LEU D 229 4.98 7.64 -5.97
C LEU D 229 3.76 7.57 -6.88
N VAL D 230 3.62 8.53 -7.78
CA VAL D 230 2.55 8.46 -8.78
C VAL D 230 2.91 7.46 -9.86
N GLU D 231 1.89 6.82 -10.44
CA GLU D 231 2.12 5.91 -11.54
C GLU D 231 2.70 6.66 -12.73
N THR D 232 3.67 6.05 -13.40
CA THR D 232 4.26 6.65 -14.58
C THR D 232 3.14 6.98 -15.57
N ARG D 233 3.19 8.17 -16.15
CA ARG D 233 2.12 8.64 -17.03
C ARG D 233 2.67 9.14 -18.37
N PRO D 234 1.90 8.97 -19.45
CA PRO D 234 2.35 9.34 -20.81
C PRO D 234 2.39 10.86 -20.99
N SER D 235 3.43 11.36 -21.65
CA SER D 235 3.51 12.77 -21.99
C SER D 235 2.56 13.07 -23.14
N GLY D 236 2.30 12.07 -23.96
CA GLY D 236 1.45 12.23 -25.13
C GLY D 236 2.27 12.37 -26.39
N ASP D 237 3.58 12.56 -26.24
CA ASP D 237 4.48 12.68 -27.38
C ASP D 237 5.36 11.45 -27.51
N GLY D 238 4.97 10.38 -26.83
CA GLY D 238 5.73 9.13 -26.87
C GLY D 238 6.59 8.88 -25.65
N THR D 239 6.92 9.93 -24.90
CA THR D 239 7.74 9.81 -23.70
C THR D 239 6.88 9.70 -22.45
N PHE D 240 7.53 9.71 -21.29
CA PHE D 240 6.82 9.49 -20.04
C PHE D 240 7.20 10.49 -18.95
N GLN D 241 6.35 10.57 -17.94
CA GLN D 241 6.58 11.41 -16.78
C GLN D 241 6.36 10.58 -15.53
N LYS D 242 6.76 11.14 -14.39
CA LYS D 242 6.60 10.50 -13.09
C LYS D 242 7.24 11.40 -12.06
N TRP D 243 6.67 11.44 -10.87
CA TRP D 243 7.33 12.12 -9.76
C TRP D 243 7.18 11.38 -8.45
N ALA D 244 8.03 11.74 -7.50
CA ALA D 244 8.01 11.14 -6.17
C ALA D 244 8.17 12.26 -5.16
N ALA D 245 7.16 12.46 -4.33
CA ALA D 245 7.22 13.53 -3.34
C ALA D 245 7.54 12.98 -1.95
N LEU D 246 8.15 13.82 -1.13
CA LEU D 246 8.49 13.46 0.23
C LEU D 246 8.22 14.67 1.11
N VAL D 247 7.58 14.45 2.25
CA VAL D 247 7.38 15.54 3.20
C VAL D 247 8.50 15.53 4.23
N VAL D 248 9.24 16.63 4.28
CA VAL D 248 10.40 16.74 5.16
C VAL D 248 10.34 18.00 6.02
N PRO D 249 11.05 17.98 7.16
CA PRO D 249 11.09 19.15 8.06
C PRO D 249 11.85 20.31 7.43
N SER D 250 11.34 21.52 7.60
CA SER D 250 12.03 22.70 7.11
C SER D 250 13.43 22.80 7.69
N GLY D 251 14.38 23.21 6.86
CA GLY D 251 15.78 23.33 7.27
C GLY D 251 16.56 22.04 7.11
N GLU D 252 15.84 20.96 6.78
CA GLU D 252 16.46 19.65 6.63
C GLU D 252 16.50 19.17 5.18
N GLU D 253 16.12 20.02 4.23
CA GLU D 253 15.99 19.58 2.84
C GLU D 253 17.27 19.03 2.22
N GLN D 254 18.41 19.58 2.64
CA GLN D 254 19.71 19.15 2.11
C GLN D 254 20.10 17.75 2.59
N ARG D 255 19.27 17.16 3.45
CA ARG D 255 19.55 15.83 4.01
C ARG D 255 18.89 14.71 3.20
N TYR D 256 18.11 15.10 2.20
CA TYR D 256 17.38 14.15 1.36
C TYR D 256 17.82 14.27 -0.10
N THR D 257 18.01 13.12 -0.74
CA THR D 257 18.44 13.07 -2.12
C THR D 257 17.53 12.17 -2.95
N CYS D 258 17.15 12.64 -4.14
CA CYS D 258 16.38 11.81 -5.05
C CYS D 258 17.32 11.04 -5.97
N ARG D 259 17.09 9.74 -6.07
CA ARG D 259 17.88 8.90 -6.96
C ARG D 259 17.05 8.46 -8.17
N VAL D 260 17.53 8.79 -9.37
CA VAL D 260 16.84 8.44 -10.60
C VAL D 260 17.60 7.39 -11.40
N GLN D 261 16.95 6.28 -11.69
CA GLN D 261 17.55 5.23 -12.51
C GLN D 261 16.76 4.97 -13.78
N HIS D 262 17.44 4.97 -14.91
CA HIS D 262 16.80 4.79 -16.20
C HIS D 262 17.81 4.28 -17.23
N GLU D 263 17.33 3.52 -18.20
CA GLU D 263 18.16 2.94 -19.24
C GLU D 263 18.98 4.00 -19.98
N GLY D 264 18.38 5.16 -20.20
CA GLY D 264 19.02 6.23 -20.97
C GLY D 264 20.05 7.02 -20.20
N LEU D 265 20.34 6.58 -18.98
CA LEU D 265 21.32 7.24 -18.13
C LEU D 265 22.57 6.40 -17.98
N GLN D 266 23.71 6.98 -18.35
CA GLN D 266 25.00 6.30 -18.23
C GLN D 266 25.20 5.89 -16.79
N GLU D 267 24.81 6.78 -15.87
CA GLU D 267 24.92 6.52 -14.44
C GLU D 267 23.74 7.16 -13.69
N PRO D 268 23.29 6.50 -12.60
CA PRO D 268 22.18 7.00 -11.78
C PRO D 268 22.27 8.49 -11.51
N LEU D 269 21.13 9.16 -11.46
CA LEU D 269 21.09 10.59 -11.17
C LEU D 269 20.79 10.79 -9.69
N THR D 270 21.50 11.72 -9.07
CA THR D 270 21.19 12.09 -7.69
C THR D 270 20.88 13.59 -7.64
N LEU D 271 19.70 13.93 -7.16
CA LEU D 271 19.29 15.32 -7.09
C LEU D 271 19.04 15.74 -5.65
N ARG D 272 18.96 17.04 -5.43
CA ARG D 272 18.77 17.59 -4.10
C ARG D 272 18.36 19.06 -4.20
N TRP D 273 17.46 19.48 -3.31
CA TRP D 273 17.12 20.90 -3.22
C TRP D 273 18.28 21.62 -2.53
N GLU D 274 18.77 22.68 -3.16
CA GLU D 274 19.86 23.47 -2.57
C GLU D 274 19.36 24.81 -2.04
N ILE E 1 -15.67 -7.83 -9.37
CA ILE E 1 -14.80 -7.82 -10.54
C ILE E 1 -14.61 -6.40 -11.07
N GLN E 2 -15.16 -5.43 -10.35
CA GLN E 2 -15.07 -4.03 -10.74
C GLN E 2 -13.91 -3.32 -10.06
N ARG E 3 -13.28 -2.40 -10.80
CA ARG E 3 -12.13 -1.64 -10.29
C ARG E 3 -12.25 -0.16 -10.63
N PRO E 4 -12.10 0.71 -9.62
CA PRO E 4 -12.28 2.16 -9.79
C PRO E 4 -11.16 2.76 -10.63
N PRO E 5 -11.40 3.91 -11.27
CA PRO E 5 -10.30 4.57 -11.98
C PRO E 5 -9.41 5.41 -11.05
N LYS E 6 -8.14 5.49 -11.39
CA LYS E 6 -7.24 6.44 -10.78
C LYS E 6 -7.03 7.55 -11.81
N ILE E 7 -6.85 8.78 -11.35
CA ILE E 7 -6.83 9.92 -12.26
C ILE E 7 -5.72 10.92 -11.98
N GLN E 8 -4.97 11.27 -13.02
CA GLN E 8 -3.99 12.34 -12.95
C GLN E 8 -4.30 13.37 -14.00
N VAL E 9 -4.25 14.64 -13.63
CA VAL E 9 -4.53 15.73 -14.56
C VAL E 9 -3.34 16.68 -14.58
N TYR E 10 -2.64 16.70 -15.70
CA TYR E 10 -1.37 17.43 -15.77
C TYR E 10 -1.14 17.97 -17.17
N SER E 11 -0.07 18.74 -17.34
CA SER E 11 0.31 19.27 -18.64
C SER E 11 1.61 18.61 -19.11
N ARG E 12 1.78 18.56 -20.43
CA ARG E 12 2.95 17.95 -21.03
C ARG E 12 4.22 18.70 -20.62
N HIS E 13 4.38 19.90 -21.15
CA HIS E 13 5.51 20.75 -20.79
C HIS E 13 5.14 21.55 -19.56
N PRO E 14 6.15 22.04 -18.82
CA PRO E 14 5.87 22.91 -17.68
C PRO E 14 5.03 24.09 -18.10
N PRO E 15 3.99 24.43 -17.33
CA PRO E 15 3.04 25.48 -17.69
C PRO E 15 3.61 26.89 -17.54
N GLU E 16 3.38 27.71 -18.57
CA GLU E 16 3.71 29.13 -18.53
C GLU E 16 2.58 29.90 -19.22
N ASP E 17 2.30 31.11 -18.74
CA ASP E 17 1.24 31.92 -19.35
C ASP E 17 1.55 32.24 -20.81
N GLY E 18 0.53 32.19 -21.66
CA GLY E 18 0.66 32.54 -23.05
C GLY E 18 1.59 31.64 -23.85
N LYS E 19 1.88 30.46 -23.30
CA LYS E 19 2.71 29.50 -24.01
C LYS E 19 1.92 28.23 -24.31
N PRO E 20 1.76 27.92 -25.61
CA PRO E 20 1.06 26.71 -26.05
C PRO E 20 1.56 25.47 -25.32
N ASN E 21 0.61 24.62 -24.92
CA ASN E 21 0.92 23.45 -24.12
C ASN E 21 -0.12 22.38 -24.39
N TYR E 22 -0.04 21.28 -23.65
CA TYR E 22 -0.97 20.17 -23.83
C TYR E 22 -1.56 19.72 -22.49
N LEU E 23 -2.88 19.66 -22.40
CA LEU E 23 -3.54 19.23 -21.18
C LEU E 23 -3.85 17.74 -21.23
N ASN E 24 -3.35 17.01 -20.24
CA ASN E 24 -3.56 15.57 -20.19
C ASN E 24 -4.41 15.14 -19.01
N CYS E 25 -5.37 14.25 -19.27
CA CYS E 25 -6.05 13.54 -18.20
C CYS E 25 -5.78 12.04 -18.35
N TYR E 26 -5.02 11.49 -17.42
CA TYR E 26 -4.64 10.09 -17.48
C TYR E 26 -5.43 9.28 -16.46
N VAL E 27 -6.34 8.45 -16.94
CA VAL E 27 -7.13 7.61 -16.06
C VAL E 27 -6.83 6.14 -16.33
N TYR E 28 -6.68 5.36 -15.25
CA TYR E 28 -6.11 4.02 -15.37
C TYR E 28 -6.52 3.10 -14.22
N GLY E 29 -6.26 1.81 -14.40
CA GLY E 29 -6.52 0.82 -13.37
C GLY E 29 -7.99 0.48 -13.19
N PHE E 30 -8.83 0.97 -14.10
CA PHE E 30 -10.27 0.71 -14.02
C PHE E 30 -10.70 -0.55 -14.79
N HIS E 31 -11.97 -0.93 -14.60
CA HIS E 31 -12.54 -2.13 -15.21
C HIS E 31 -13.97 -2.25 -14.71
N PRO E 32 -14.95 -2.44 -15.61
CA PRO E 32 -14.92 -2.62 -17.07
C PRO E 32 -14.48 -1.37 -17.84
N PRO E 33 -14.26 -1.50 -19.16
CA PRO E 33 -13.75 -0.45 -20.05
C PRO E 33 -14.72 0.70 -20.26
N GLN E 34 -16.01 0.44 -20.08
CA GLN E 34 -17.00 1.48 -20.34
C GLN E 34 -16.67 2.68 -19.46
N ILE E 35 -16.46 3.83 -20.07
CA ILE E 35 -16.11 5.03 -19.32
C ILE E 35 -16.21 6.30 -20.16
N GLU E 36 -16.41 7.42 -19.49
CA GLU E 36 -16.59 8.71 -20.14
C GLU E 36 -15.62 9.71 -19.50
N ILE E 37 -14.72 10.25 -20.33
CA ILE E 37 -13.70 11.17 -19.82
C ILE E 37 -13.77 12.50 -20.55
N ASP E 38 -14.12 13.55 -19.81
CA ASP E 38 -14.24 14.89 -20.37
C ASP E 38 -13.22 15.85 -19.76
N LEU E 39 -12.62 16.67 -20.62
CA LEU E 39 -11.77 17.76 -20.18
C LEU E 39 -12.62 19.02 -20.05
N LEU E 40 -12.62 19.62 -18.87
CA LEU E 40 -13.42 20.81 -18.63
C LEU E 40 -12.56 22.07 -18.53
N LYS E 41 -13.09 23.17 -19.05
CA LYS E 41 -12.48 24.48 -18.90
C LYS E 41 -13.49 25.41 -18.22
N ASN E 42 -13.15 25.89 -17.04
CA ASN E 42 -14.05 26.72 -16.26
C ASN E 42 -15.41 26.06 -16.10
N GLY E 43 -15.42 24.74 -15.94
CA GLY E 43 -16.63 24.01 -15.64
C GLY E 43 -17.36 23.47 -16.85
N GLU E 44 -16.93 23.89 -18.04
CA GLU E 44 -17.59 23.45 -19.27
C GLU E 44 -16.67 22.62 -20.17
N LYS E 45 -17.23 21.59 -20.79
CA LYS E 45 -16.47 20.66 -21.60
C LYS E 45 -15.82 21.35 -22.79
N ILE E 46 -14.65 20.85 -23.18
CA ILE E 46 -13.96 21.30 -24.38
C ILE E 46 -13.60 20.11 -25.23
N LYS E 47 -13.42 20.35 -26.53
CA LYS E 47 -13.04 19.30 -27.47
C LYS E 47 -11.69 18.70 -27.08
N SER E 48 -11.67 17.38 -26.90
CA SER E 48 -10.44 16.68 -26.54
C SER E 48 -10.27 15.42 -27.39
N GLU E 49 -9.04 14.94 -27.48
CA GLU E 49 -8.77 13.68 -28.16
C GLU E 49 -8.53 12.58 -27.13
N GLN E 50 -8.77 11.33 -27.51
CA GLN E 50 -8.64 10.21 -26.59
C GLN E 50 -7.91 9.02 -27.22
N SER E 51 -7.00 8.42 -26.46
CA SER E 51 -6.18 7.33 -26.96
C SER E 51 -6.99 6.08 -27.22
N ASP E 52 -6.35 5.09 -27.84
CA ASP E 52 -7.01 3.82 -28.09
C ASP E 52 -7.00 2.98 -26.82
N LEU E 53 -8.09 2.28 -26.57
CA LEU E 53 -8.21 1.44 -25.39
C LEU E 53 -7.07 0.42 -25.33
N SER E 54 -6.33 0.44 -24.23
CA SER E 54 -5.32 -0.58 -23.97
C SER E 54 -5.42 -1.00 -22.51
N PHE E 55 -4.61 -1.96 -22.10
CA PHE E 55 -4.65 -2.42 -20.71
C PHE E 55 -3.30 -2.88 -20.17
N SER E 56 -3.25 -3.13 -18.86
CA SER E 56 -2.01 -3.45 -18.15
C SER E 56 -1.86 -4.94 -17.92
N LYS E 57 -0.77 -5.35 -17.28
CA LYS E 57 -0.52 -6.75 -16.98
C LYS E 57 -1.56 -7.34 -16.04
N ASP E 58 -2.22 -6.47 -15.27
CA ASP E 58 -3.27 -6.91 -14.35
C ASP E 58 -4.66 -6.75 -14.97
N TRP E 59 -4.70 -6.58 -16.29
CA TRP E 59 -5.95 -6.53 -17.06
C TRP E 59 -6.83 -5.30 -16.83
N SER E 60 -6.35 -4.35 -16.04
CA SER E 60 -7.06 -3.08 -15.89
C SER E 60 -6.74 -2.17 -17.07
N PHE E 61 -7.71 -1.35 -17.45
CA PHE E 61 -7.58 -0.51 -18.63
C PHE E 61 -7.00 0.87 -18.32
N TYR E 62 -6.37 1.49 -19.32
CA TYR E 62 -5.89 2.86 -19.18
C TYR E 62 -6.15 3.66 -20.44
N LEU E 63 -6.44 4.95 -20.25
CA LEU E 63 -6.76 5.84 -21.36
C LEU E 63 -6.13 7.19 -21.14
N LEU E 64 -6.06 7.97 -22.21
CA LEU E 64 -5.50 9.32 -22.15
C LEU E 64 -6.32 10.31 -22.97
N SER E 65 -6.95 11.25 -22.28
CA SER E 65 -7.63 12.36 -22.93
C SER E 65 -6.73 13.58 -22.88
N HIS E 66 -6.60 14.27 -24.01
CA HIS E 66 -5.70 15.41 -24.08
C HIS E 66 -6.21 16.47 -25.05
N ALA E 67 -5.70 17.69 -24.91
CA ALA E 67 -6.10 18.80 -25.76
C ALA E 67 -5.07 19.92 -25.74
N GLU E 68 -4.80 20.49 -26.91
CA GLU E 68 -3.92 21.64 -27.01
C GLU E 68 -4.54 22.81 -26.27
N PHE E 69 -3.74 23.50 -25.48
CA PHE E 69 -4.25 24.68 -24.76
C PHE E 69 -3.13 25.66 -24.44
N THR E 70 -3.54 26.83 -23.97
CA THR E 70 -2.60 27.88 -23.60
C THR E 70 -2.96 28.44 -22.23
N PRO E 71 -2.16 28.10 -21.20
CA PRO E 71 -2.41 28.55 -19.83
C PRO E 71 -2.36 30.07 -19.75
N ASN E 72 -3.05 30.66 -18.78
CA ASN E 72 -3.10 32.11 -18.69
C ASN E 72 -3.29 32.65 -17.27
N SER E 73 -3.16 31.78 -16.28
CA SER E 73 -3.32 32.18 -14.88
C SER E 73 -4.67 32.88 -14.68
N LYS E 74 -5.66 32.48 -15.47
CA LYS E 74 -7.01 33.00 -15.31
C LYS E 74 -8.01 31.88 -15.49
N ASP E 75 -7.79 31.05 -16.52
CA ASP E 75 -8.63 29.89 -16.77
C ASP E 75 -8.30 28.75 -15.81
N GLN E 76 -9.33 28.09 -15.31
CA GLN E 76 -9.15 26.88 -14.53
C GLN E 76 -9.58 25.67 -15.35
N TYR E 77 -8.86 24.57 -15.19
CA TYR E 77 -9.16 23.36 -15.93
C TYR E 77 -9.38 22.18 -15.00
N SER E 78 -10.12 21.19 -15.47
CA SER E 78 -10.35 19.98 -14.70
C SER E 78 -10.73 18.81 -15.61
N CYS E 79 -10.88 17.64 -15.01
CA CYS E 79 -11.18 16.43 -15.77
C CYS E 79 -12.30 15.65 -15.09
N ARG E 80 -13.44 15.55 -15.76
CA ARG E 80 -14.57 14.82 -15.23
C ARG E 80 -14.57 13.40 -15.79
N VAL E 81 -14.85 12.44 -14.91
CA VAL E 81 -14.83 11.03 -15.29
C VAL E 81 -16.06 10.32 -14.74
N LYS E 82 -16.77 9.61 -15.61
CA LYS E 82 -17.94 8.83 -15.21
C LYS E 82 -17.66 7.34 -15.38
N HIS E 83 -17.97 6.55 -14.35
CA HIS E 83 -17.75 5.11 -14.38
C HIS E 83 -18.73 4.40 -13.45
N VAL E 84 -19.08 3.17 -13.78
CA VAL E 84 -20.08 2.42 -13.03
C VAL E 84 -19.78 2.42 -11.53
N THR E 85 -18.50 2.41 -11.19
CA THR E 85 -18.06 2.32 -9.81
C THR E 85 -18.16 3.66 -9.08
N LEU E 86 -18.59 4.70 -9.79
CA LEU E 86 -18.70 6.01 -9.19
C LEU E 86 -20.15 6.45 -9.02
N GLU E 87 -20.54 6.70 -7.78
CA GLU E 87 -21.89 7.18 -7.47
C GLU E 87 -22.21 8.40 -8.34
N GLN E 88 -21.24 9.29 -8.46
CA GLN E 88 -21.41 10.48 -9.28
C GLN E 88 -20.11 10.82 -9.99
N PRO E 89 -20.18 11.70 -11.01
CA PRO E 89 -19.00 12.13 -11.76
C PRO E 89 -17.90 12.68 -10.85
N ARG E 90 -16.74 12.02 -10.84
CA ARG E 90 -15.60 12.51 -10.08
C ARG E 90 -14.87 13.60 -10.85
N ILE E 91 -14.65 14.74 -10.21
CA ILE E 91 -13.91 15.83 -10.84
C ILE E 91 -12.55 16.04 -10.19
N VAL E 92 -11.52 16.15 -11.02
CA VAL E 92 -10.16 16.38 -10.54
C VAL E 92 -9.58 17.62 -11.19
N LYS E 93 -9.31 18.64 -10.37
CA LYS E 93 -8.79 19.90 -10.88
C LYS E 93 -7.38 19.70 -11.39
N TRP E 94 -6.92 20.62 -12.24
CA TRP E 94 -5.53 20.60 -12.68
C TRP E 94 -4.68 21.46 -11.76
N ASP E 95 -3.75 20.80 -11.07
CA ASP E 95 -2.83 21.51 -10.17
C ASP E 95 -1.47 21.55 -10.84
N ARG E 96 -1.00 22.75 -11.16
CA ARG E 96 0.27 22.88 -11.88
C ARG E 96 1.50 22.40 -11.09
N ASP E 97 1.27 21.90 -9.88
CA ASP E 97 2.33 21.33 -9.05
C ASP E 97 2.21 19.82 -8.98
N LEU E 98 1.19 19.28 -9.65
CA LEU E 98 0.93 17.84 -9.68
C LEU E 98 1.00 17.30 -11.10
N ILE F 1 3.53 -9.19 -37.03
CA ILE F 1 2.13 -9.11 -37.37
C ILE F 1 1.31 -9.92 -36.40
N PRO F 2 0.03 -9.61 -36.28
CA PRO F 2 -0.84 -10.31 -35.34
C PRO F 2 -0.81 -11.80 -35.62
N ALA F 3 -1.14 -12.60 -34.62
CA ALA F 3 -1.24 -14.01 -34.82
C ALA F 3 -2.50 -14.32 -35.57
N TYR F 4 -2.46 -15.41 -36.31
CA TYR F 4 -3.52 -15.90 -37.14
C TYR F 4 -4.21 -16.93 -36.35
N GLY F 5 -4.73 -16.57 -35.20
CA GLY F 5 -5.18 -17.57 -34.26
C GLY F 5 -6.54 -17.14 -33.95
N VAL F 6 -7.23 -17.82 -33.02
CA VAL F 6 -6.73 -18.99 -32.33
C VAL F 6 -7.73 -20.11 -32.50
N LEU F 7 -8.47 -20.36 -31.44
CA LEU F 7 -9.43 -21.43 -31.36
C LEU F 7 -10.37 -21.06 -30.24
N THR F 8 -11.64 -21.08 -30.50
CA THR F 8 -12.64 -20.75 -29.55
C THR F 8 -12.34 -21.44 -28.19
N ILE F 9 -12.77 -20.87 -27.05
CA ILE F 9 -12.51 -21.45 -25.73
C ILE F 9 -13.33 -22.73 -25.49
#